data_2EWH
# 
_entry.id   2EWH 
# 
_audit_conform.dict_name       mmcif_pdbx.dic 
_audit_conform.dict_version    5.376 
_audit_conform.dict_location   http://mmcif.pdb.org/dictionaries/ascii/mmcif_pdbx.dic 
# 
loop_
_database_2.database_id 
_database_2.database_code 
_database_2.pdbx_database_accession 
_database_2.pdbx_DOI 
PDB   2EWH         pdb_00002ewh 10.2210/pdb2ewh/pdb 
RCSB  RCSB035177   ?            ?                   
WWPDB D_1000035177 ?            ?                   
# 
_pdbx_database_status.entry_id                        2EWH 
_pdbx_database_status.deposit_site                    RCSB 
_pdbx_database_status.process_site                    RCSB 
_pdbx_database_status.recvd_initial_deposition_date   2005-11-03 
_pdbx_database_status.status_code                     REL 
_pdbx_database_status.status_code_sf                  REL 
_pdbx_database_status.status_code_mr                  ? 
_pdbx_database_status.SG_entry                        ? 
_pdbx_database_status.pdb_format_compatible           Y 
_pdbx_database_status.status_code_cs                  ? 
_pdbx_database_status.methods_development_category    ? 
_pdbx_database_status.status_code_nmr_data            ? 
# 
loop_
_audit_author.name 
_audit_author.pdbx_ordinal 
'Tsai, Y.'      1 
'Sawaya, M.R.'  2 
'Kerfeld, C.A.' 3 
'Yeates, T.O.'  4 
# 
_citation.id                        primary 
_citation.title                     
'Structural Analysis of CsoS1A and the Protein Shell of the Halothiobacillus neapolitanus Carboxysome.' 
_citation.journal_abbrev            'Plos Biol.' 
_citation.journal_volume            5 
_citation.page_first                e144 
_citation.page_last                 ? 
_citation.year                      2007 
_citation.journal_id_ASTM           ? 
_citation.country                   US 
_citation.journal_id_ISSN           1544-9173 
_citation.journal_id_CSD            ? 
_citation.book_publisher            ? 
_citation.pdbx_database_id_PubMed   17518518 
_citation.pdbx_database_id_DOI      10.1371/journal.pbio.0050144 
# 
loop_
_citation_author.citation_id 
_citation_author.name 
_citation_author.ordinal 
_citation_author.identifier_ORCID 
primary 'Tsai, Y.'       1 ? 
primary 'Sawaya, M.R.'   2 ? 
primary 'Cannon, G.C.'   3 ? 
primary 'Cai, F.'        4 ? 
primary 'Williams, E.B.' 5 ? 
primary 'Heinhorst, S.'  6 ? 
primary 'Kerfeld, C.A.'  7 ? 
primary 'Yeates, T.O.'   8 ? 
# 
_cell.length_a           66.417 
_cell.length_b           66.417 
_cell.length_c           28.982 
_cell.angle_alpha        90.00 
_cell.angle_beta         90.00 
_cell.angle_gamma        120.00 
_cell.entry_id           2EWH 
_cell.pdbx_unique_axis   ? 
_cell.Z_PDB              6 
_cell.length_a_esd       ? 
_cell.length_b_esd       ? 
_cell.length_c_esd       ? 
_cell.angle_alpha_esd    ? 
_cell.angle_beta_esd     ? 
_cell.angle_gamma_esd    ? 
# 
_symmetry.space_group_name_H-M             'P 6' 
_symmetry.entry_id                         2EWH 
_symmetry.pdbx_full_space_group_name_H-M   ? 
_symmetry.Int_Tables_number                168 
_symmetry.cell_setting                     ? 
_symmetry.space_group_name_Hall            ? 
# 
loop_
_entity.id 
_entity.type 
_entity.src_method 
_entity.pdbx_description 
_entity.formula_weight 
_entity.pdbx_number_of_molecules 
_entity.pdbx_ec 
_entity.pdbx_mutation 
_entity.pdbx_fragment 
_entity.details 
1 polymer     man 'Major carboxysome shell protein 1A'     9973.478 1  ? ? ? ? 
2 non-polymer syn 2-AMINO-2-HYDROXYMETHYL-PROPANE-1,3-DIOL 122.143  1  ? ? ? ? 
3 non-polymer syn 1,2-ETHANEDIOL                           62.068   1  ? ? ? ? 
4 water       nat water                                    18.015   52 ? ? ? ? 
# 
_entity_poly.entity_id                      1 
_entity_poly.type                           'polypeptide(L)' 
_entity_poly.nstd_linkage                   no 
_entity_poly.nstd_monomer                   no 
_entity_poly.pdbx_seq_one_letter_code       
;MADVTGIALGMIETRGLVPAIEAADAMTKAAEVRLVGRQFVGGGYVTVLVRGETGAVNAAVRAGADACERVGDGLVAAHI
IARVHSEVENILPKAPQA
;
_entity_poly.pdbx_seq_one_letter_code_can   
;MADVTGIALGMIETRGLVPAIEAADAMTKAAEVRLVGRQFVGGGYVTVLVRGETGAVNAAVRAGADACERVGDGLVAAHI
IARVHSEVENILPKAPQA
;
_entity_poly.pdbx_strand_id                 A 
_entity_poly.pdbx_target_identifier         ? 
# 
loop_
_entity_poly_seq.entity_id 
_entity_poly_seq.num 
_entity_poly_seq.mon_id 
_entity_poly_seq.hetero 
1 1  MET n 
1 2  ALA n 
1 3  ASP n 
1 4  VAL n 
1 5  THR n 
1 6  GLY n 
1 7  ILE n 
1 8  ALA n 
1 9  LEU n 
1 10 GLY n 
1 11 MET n 
1 12 ILE n 
1 13 GLU n 
1 14 THR n 
1 15 ARG n 
1 16 GLY n 
1 17 LEU n 
1 18 VAL n 
1 19 PRO n 
1 20 ALA n 
1 21 ILE n 
1 22 GLU n 
1 23 ALA n 
1 24 ALA n 
1 25 ASP n 
1 26 ALA n 
1 27 MET n 
1 28 THR n 
1 29 LYS n 
1 30 ALA n 
1 31 ALA n 
1 32 GLU n 
1 33 VAL n 
1 34 ARG n 
1 35 LEU n 
1 36 VAL n 
1 37 GLY n 
1 38 ARG n 
1 39 GLN n 
1 40 PHE n 
1 41 VAL n 
1 42 GLY n 
1 43 GLY n 
1 44 GLY n 
1 45 TYR n 
1 46 VAL n 
1 47 THR n 
1 48 VAL n 
1 49 LEU n 
1 50 VAL n 
1 51 ARG n 
1 52 GLY n 
1 53 GLU n 
1 54 THR n 
1 55 GLY n 
1 56 ALA n 
1 57 VAL n 
1 58 ASN n 
1 59 ALA n 
1 60 ALA n 
1 61 VAL n 
1 62 ARG n 
1 63 ALA n 
1 64 GLY n 
1 65 ALA n 
1 66 ASP n 
1 67 ALA n 
1 68 CYS n 
1 69 GLU n 
1 70 ARG n 
1 71 VAL n 
1 72 GLY n 
1 73 ASP n 
1 74 GLY n 
1 75 LEU n 
1 76 VAL n 
1 77 ALA n 
1 78 ALA n 
1 79 HIS n 
1 80 ILE n 
1 81 ILE n 
1 82 ALA n 
1 83 ARG n 
1 84 VAL n 
1 85 HIS n 
1 86 SER n 
1 87 GLU n 
1 88 VAL n 
1 89 GLU n 
1 90 ASN n 
1 91 ILE n 
1 92 LEU n 
1 93 PRO n 
1 94 LYS n 
1 95 ALA n 
1 96 PRO n 
1 97 GLN n 
1 98 ALA n 
# 
_entity_src_gen.entity_id                          1 
_entity_src_gen.pdbx_src_id                        1 
_entity_src_gen.pdbx_alt_source_flag               sample 
_entity_src_gen.pdbx_seq_type                      ? 
_entity_src_gen.pdbx_beg_seq_num                   ? 
_entity_src_gen.pdbx_end_seq_num                   ? 
_entity_src_gen.gene_src_common_name               ? 
_entity_src_gen.gene_src_genus                     Halothiobacillus 
_entity_src_gen.pdbx_gene_src_gene                 csoS1A 
_entity_src_gen.gene_src_species                   ? 
_entity_src_gen.gene_src_strain                    ? 
_entity_src_gen.gene_src_tissue                    ? 
_entity_src_gen.gene_src_tissue_fraction           ? 
_entity_src_gen.gene_src_details                   ? 
_entity_src_gen.pdbx_gene_src_fragment             ? 
_entity_src_gen.pdbx_gene_src_scientific_name      'Halothiobacillus neapolitanus' 
_entity_src_gen.pdbx_gene_src_ncbi_taxonomy_id     927 
_entity_src_gen.pdbx_gene_src_variant              ? 
_entity_src_gen.pdbx_gene_src_cell_line            ? 
_entity_src_gen.pdbx_gene_src_atcc                 ? 
_entity_src_gen.pdbx_gene_src_organ                ? 
_entity_src_gen.pdbx_gene_src_organelle            ? 
_entity_src_gen.pdbx_gene_src_cell                 ? 
_entity_src_gen.pdbx_gene_src_cellular_location    ? 
_entity_src_gen.host_org_common_name               ? 
_entity_src_gen.pdbx_host_org_scientific_name      'Escherichia coli' 
_entity_src_gen.pdbx_host_org_ncbi_taxonomy_id     562 
_entity_src_gen.host_org_genus                     Escherichia 
_entity_src_gen.pdbx_host_org_gene                 ? 
_entity_src_gen.pdbx_host_org_organ                ? 
_entity_src_gen.host_org_species                   ? 
_entity_src_gen.pdbx_host_org_tissue               ? 
_entity_src_gen.pdbx_host_org_tissue_fraction      ? 
_entity_src_gen.pdbx_host_org_strain               DH5alpha 
_entity_src_gen.pdbx_host_org_variant              ? 
_entity_src_gen.pdbx_host_org_cell_line            ? 
_entity_src_gen.pdbx_host_org_atcc                 ? 
_entity_src_gen.pdbx_host_org_culture_collection   ? 
_entity_src_gen.pdbx_host_org_cell                 ? 
_entity_src_gen.pdbx_host_org_organelle            ? 
_entity_src_gen.pdbx_host_org_cellular_location    ? 
_entity_src_gen.pdbx_host_org_vector_type          plasmid 
_entity_src_gen.pdbx_host_org_vector               ? 
_entity_src_gen.host_org_details                   ? 
_entity_src_gen.expression_system_id               ? 
_entity_src_gen.plasmid_name                       pProEx-Htb 
_entity_src_gen.plasmid_details                    ? 
_entity_src_gen.pdbx_description                   ? 
# 
_struct_ref.id                         1 
_struct_ref.db_name                    UNP 
_struct_ref.db_code                    CSOA_THINE 
_struct_ref.pdbx_db_accession          P45689 
_struct_ref.entity_id                  1 
_struct_ref.pdbx_align_begin           1 
_struct_ref.pdbx_db_isoform            ? 
_struct_ref.pdbx_seq_one_letter_code   ? 
# 
_struct_ref_seq.align_id                      1 
_struct_ref_seq.ref_id                        1 
_struct_ref_seq.pdbx_PDB_id_code              2EWH 
_struct_ref_seq.pdbx_strand_id                A 
_struct_ref_seq.seq_align_beg                 2 
_struct_ref_seq.pdbx_seq_align_beg_ins_code   ? 
_struct_ref_seq.seq_align_end                 98 
_struct_ref_seq.pdbx_seq_align_end_ins_code   ? 
_struct_ref_seq.pdbx_db_accession             P45689 
_struct_ref_seq.db_align_beg                  1 
_struct_ref_seq.pdbx_db_align_beg_ins_code    ? 
_struct_ref_seq.db_align_end                  97 
_struct_ref_seq.pdbx_db_align_end_ins_code    ? 
_struct_ref_seq.pdbx_auth_seq_align_beg       2 
_struct_ref_seq.pdbx_auth_seq_align_end       98 
# 
_struct_ref_seq_dif.align_id                     1 
_struct_ref_seq_dif.pdbx_pdb_id_code             2EWH 
_struct_ref_seq_dif.mon_id                       MET 
_struct_ref_seq_dif.pdbx_pdb_strand_id           A 
_struct_ref_seq_dif.seq_num                      1 
_struct_ref_seq_dif.pdbx_pdb_ins_code            ? 
_struct_ref_seq_dif.pdbx_seq_db_name             UNP 
_struct_ref_seq_dif.pdbx_seq_db_accession_code   P45689 
_struct_ref_seq_dif.db_mon_id                    ? 
_struct_ref_seq_dif.pdbx_seq_db_seq_num          ? 
_struct_ref_seq_dif.details                      'initiating methionine' 
_struct_ref_seq_dif.pdbx_auth_seq_num            1 
_struct_ref_seq_dif.pdbx_ordinal                 1 
# 
loop_
_chem_comp.id 
_chem_comp.type 
_chem_comp.mon_nstd_flag 
_chem_comp.name 
_chem_comp.pdbx_synonyms 
_chem_comp.formula 
_chem_comp.formula_weight 
ALA 'L-peptide linking' y ALANINE                                  ?                 'C3 H7 N O2'     89.093  
ARG 'L-peptide linking' y ARGININE                                 ?                 'C6 H15 N4 O2 1' 175.209 
ASN 'L-peptide linking' y ASPARAGINE                               ?                 'C4 H8 N2 O3'    132.118 
ASP 'L-peptide linking' y 'ASPARTIC ACID'                          ?                 'C4 H7 N O4'     133.103 
CYS 'L-peptide linking' y CYSTEINE                                 ?                 'C3 H7 N O2 S'   121.158 
EDO non-polymer         . 1,2-ETHANEDIOL                           'ETHYLENE GLYCOL' 'C2 H6 O2'       62.068  
GLN 'L-peptide linking' y GLUTAMINE                                ?                 'C5 H10 N2 O3'   146.144 
GLU 'L-peptide linking' y 'GLUTAMIC ACID'                          ?                 'C5 H9 N O4'     147.129 
GLY 'peptide linking'   y GLYCINE                                  ?                 'C2 H5 N O2'     75.067  
HIS 'L-peptide linking' y HISTIDINE                                ?                 'C6 H10 N3 O2 1' 156.162 
HOH non-polymer         . WATER                                    ?                 'H2 O'           18.015  
ILE 'L-peptide linking' y ISOLEUCINE                               ?                 'C6 H13 N O2'    131.173 
LEU 'L-peptide linking' y LEUCINE                                  ?                 'C6 H13 N O2'    131.173 
LYS 'L-peptide linking' y LYSINE                                   ?                 'C6 H15 N2 O2 1' 147.195 
MET 'L-peptide linking' y METHIONINE                               ?                 'C5 H11 N O2 S'  149.211 
PHE 'L-peptide linking' y PHENYLALANINE                            ?                 'C9 H11 N O2'    165.189 
PRO 'L-peptide linking' y PROLINE                                  ?                 'C5 H9 N O2'     115.130 
SER 'L-peptide linking' y SERINE                                   ?                 'C3 H7 N O3'     105.093 
THR 'L-peptide linking' y THREONINE                                ?                 'C4 H9 N O3'     119.119 
TRS non-polymer         . 2-AMINO-2-HYDROXYMETHYL-PROPANE-1,3-DIOL 'TRIS BUFFER'     'C4 H12 N O3 1'  122.143 
TYR 'L-peptide linking' y TYROSINE                                 ?                 'C9 H11 N O3'    181.189 
VAL 'L-peptide linking' y VALINE                                   ?                 'C5 H11 N O2'    117.146 
# 
_exptl.entry_id          2EWH 
_exptl.crystals_number   1 
_exptl.method            'X-RAY DIFFRACTION' 
# 
_exptl_crystal.id                    1 
_exptl_crystal.density_Matthews      1.85 
_exptl_crystal.density_meas          ? 
_exptl_crystal.density_percent_sol   33.50 
_exptl_crystal.description           ? 
_exptl_crystal.F_000                 ? 
_exptl_crystal.preparation           ? 
# 
_exptl_crystal_grow.crystal_id      1 
_exptl_crystal_grow.method          'VAPOR DIFFUSION, HANGING DROP' 
_exptl_crystal_grow.pH              9.5 
_exptl_crystal_grow.temp            293 
_exptl_crystal_grow.temp_details    ? 
_exptl_crystal_grow.pdbx_details    
'30% PEG 400, 0.1M 2(cyclohexylamino)ethanosulfonic acid, pH 9.5, VAPOR DIFFUSION, HANGING DROP, temperature 293K' 
_exptl_crystal_grow.pdbx_pH_range   . 
# 
_diffrn.id                     1 
_diffrn.ambient_temp           100 
_diffrn.ambient_temp_details   ? 
_diffrn.crystal_id             1 
# 
_diffrn_detector.diffrn_id              1 
_diffrn_detector.detector               CCD 
_diffrn_detector.type                   'ADSC QUANTUM 315' 
_diffrn_detector.pdbx_collection_date   2005-10-21 
_diffrn_detector.details                ? 
# 
_diffrn_radiation.diffrn_id                        1 
_diffrn_radiation.wavelength_id                    1 
_diffrn_radiation.pdbx_diffrn_protocol             'SINGLE WAVELENGTH' 
_diffrn_radiation.monochromator                    'Double crystal, Si(111)' 
_diffrn_radiation.pdbx_monochromatic_or_laue_m_l   M 
_diffrn_radiation.pdbx_scattering_type             x-ray 
# 
_diffrn_radiation_wavelength.id           1 
_diffrn_radiation_wavelength.wavelength   1.00000 
_diffrn_radiation_wavelength.wt           1.0 
# 
_diffrn_source.diffrn_id                   1 
_diffrn_source.source                      SYNCHROTRON 
_diffrn_source.type                        'ALS BEAMLINE 8.2.2' 
_diffrn_source.pdbx_wavelength             ? 
_diffrn_source.pdbx_wavelength_list        1.00000 
_diffrn_source.pdbx_synchrotron_site       ALS 
_diffrn_source.pdbx_synchrotron_beamline   8.2.2 
# 
_reflns.entry_id                     2EWH 
_reflns.d_resolution_low             90.00 
_reflns.d_resolution_high            1.40 
_reflns.number_obs                   13685 
_reflns.percent_possible_obs         94.100 
_reflns.pdbx_Rmerge_I_obs            0.072 
_reflns.pdbx_chi_squared             1.120 
_reflns.pdbx_redundancy              8.800 
_reflns.pdbx_scaling_rejects         ? 
_reflns.pdbx_netI_over_sigmaI        ? 
_reflns.pdbx_Rsym_value              ? 
_reflns.observed_criterion_sigma_F   0 
_reflns.observed_criterion_sigma_I   0 
_reflns.number_all                   13685 
_reflns.B_iso_Wilson_estimate        24.3 
_reflns.R_free_details               ? 
_reflns.limit_h_max                  ? 
_reflns.limit_h_min                  ? 
_reflns.limit_k_max                  ? 
_reflns.limit_k_min                  ? 
_reflns.limit_l_max                  ? 
_reflns.limit_l_min                  ? 
_reflns.observed_criterion_F_max     ? 
_reflns.observed_criterion_F_min     ? 
_reflns.pdbx_ordinal                 1 
_reflns.pdbx_diffrn_id               1 
# 
_reflns_shell.d_res_low              1.45 
_reflns_shell.d_res_high             1.40 
_reflns_shell.number_unique_all      1025 
_reflns_shell.percent_possible_all   71.800 
_reflns_shell.Rmerge_I_obs           0.395 
_reflns_shell.pdbx_chi_squared       1.067 
_reflns_shell.pdbx_redundancy        5.200 
_reflns_shell.number_unique_obs      ? 
_reflns_shell.meanI_over_sigI_obs    ? 
_reflns_shell.pdbx_Rsym_value        ? 
_reflns_shell.percent_possible_obs   ? 
_reflns_shell.number_measured_all    ? 
_reflns_shell.number_measured_obs    ? 
_reflns_shell.pdbx_ordinal           1 
_reflns_shell.pdbx_diffrn_id         1 
# 
_refine.ls_d_res_high                            1.400 
_refine.ls_d_res_low                             57.540 
_refine.pdbx_ls_sigma_F                          0.00 
_refine.ls_percent_reflns_obs                    84.860 
_refine.ls_number_reflns_obs                     12339 
_refine.pdbx_ls_cross_valid_method               THROUGHOUT 
_refine.pdbx_R_Free_selection_details            RANDOM 
_refine.details                                  'HYDROGENS HAVE BEEN ADDED IN THE RIDING POSITIONS' 
_refine.ls_R_factor_all                          0.187 
_refine.ls_R_factor_R_work                       0.185 
_refine.ls_R_factor_R_free                       0.24 
_refine.ls_percent_reflns_R_free                 5.100 
_refine.ls_number_reflns_R_free                  625 
_refine.B_iso_mean                               28.400 
_refine.aniso_B[1][1]                            -2.580 
_refine.aniso_B[2][2]                            -2.580 
_refine.aniso_B[3][3]                            3.870 
_refine.aniso_B[1][2]                            -1.290 
_refine.aniso_B[1][3]                            0.000 
_refine.aniso_B[2][3]                            0.000 
_refine.correlation_coeff_Fo_to_Fc               0.973 
_refine.correlation_coeff_Fo_to_Fc_free          0.953 
_refine.pdbx_overall_ESU_R                       0.080 
_refine.pdbx_overall_ESU_R_Free                  0.091 
_refine.overall_SU_ML                            0.088 
_refine.overall_SU_B                             5.542 
_refine.solvent_model_details                    MASK 
_refine.pdbx_solvent_vdw_probe_radii             1.200 
_refine.pdbx_solvent_ion_probe_radii             0.800 
_refine.pdbx_solvent_shrinkage_radii             0.800 
_refine.pdbx_stereochemistry_target_values       'MAXIMUM LIKELIHOOD' 
_refine.entry_id                                 2EWH 
_refine.pdbx_ls_sigma_I                          ? 
_refine.ls_number_reflns_all                     12339 
_refine.ls_R_factor_obs                          0.187 
_refine.ls_redundancy_reflns_obs                 ? 
_refine.pdbx_data_cutoff_high_absF               ? 
_refine.pdbx_data_cutoff_low_absF                ? 
_refine.ls_number_parameters                     ? 
_refine.ls_number_restraints                     ? 
_refine.ls_R_factor_R_free_error                 ? 
_refine.ls_R_factor_R_free_error_details         ? 
_refine.pdbx_method_to_determine_struct          'MOLECULAR REPLACEMENT' 
_refine.pdbx_starting_model                      'PDB ENTRY 2A10' 
_refine.pdbx_stereochem_target_val_spec_case     ? 
_refine.solvent_model_param_bsol                 ? 
_refine.solvent_model_param_ksol                 ? 
_refine.occupancy_max                            ? 
_refine.occupancy_min                            ? 
_refine.pdbx_isotropic_thermal_model             ? 
_refine.B_iso_min                                ? 
_refine.B_iso_max                                ? 
_refine.overall_SU_R_Cruickshank_DPI             ? 
_refine.overall_SU_R_free                        ? 
_refine.pdbx_data_cutoff_high_rms_absF           ? 
_refine.ls_wR_factor_R_free                      ? 
_refine.ls_wR_factor_R_work                      ? 
_refine.overall_FOM_free_R_set                   ? 
_refine.overall_FOM_work_R_set                   ? 
_refine.pdbx_refine_id                           'X-RAY DIFFRACTION' 
_refine.pdbx_TLS_residual_ADP_flag               'LIKELY RESIDUAL' 
_refine.pdbx_diffrn_id                           1 
_refine.pdbx_overall_phase_error                 ? 
_refine.pdbx_overall_SU_R_free_Cruickshank_DPI   ? 
_refine.pdbx_overall_SU_R_Blow_DPI               ? 
_refine.pdbx_overall_SU_R_free_Blow_DPI          ? 
# 
_refine_hist.pdbx_refine_id                   'X-RAY DIFFRACTION' 
_refine_hist.cycle_id                         LAST 
_refine_hist.pdbx_number_atoms_protein        657 
_refine_hist.pdbx_number_atoms_nucleic_acid   0 
_refine_hist.pdbx_number_atoms_ligand         12 
_refine_hist.number_atoms_solvent             52 
_refine_hist.number_atoms_total               721 
_refine_hist.d_res_high                       1.400 
_refine_hist.d_res_low                        57.540 
# 
loop_
_refine_ls_restr.type 
_refine_ls_restr.number 
_refine_ls_restr.dev_ideal 
_refine_ls_restr.dev_ideal_target 
_refine_ls_restr.weight 
_refine_ls_restr.pdbx_refine_id 
_refine_ls_restr.pdbx_restraint_function 
r_bond_refined_d         684 0.017  0.022  ? 'X-RAY DIFFRACTION' ? 
r_angle_refined_deg      925 1.691  1.980  ? 'X-RAY DIFFRACTION' ? 
r_dihedral_angle_1_deg   91  6.452  5.000  ? 'X-RAY DIFFRACTION' ? 
r_dihedral_angle_2_deg   26  27.458 22.308 ? 'X-RAY DIFFRACTION' ? 
r_dihedral_angle_3_deg   110 12.471 15.000 ? 'X-RAY DIFFRACTION' ? 
r_dihedral_angle_4_deg   8   21.622 15.000 ? 'X-RAY DIFFRACTION' ? 
r_chiral_restr           112 0.123  0.200  ? 'X-RAY DIFFRACTION' ? 
r_gen_planes_refined     503 0.007  0.020  ? 'X-RAY DIFFRACTION' ? 
r_nbd_refined            288 0.221  0.200  ? 'X-RAY DIFFRACTION' ? 
r_nbtor_refined          474 0.298  0.200  ? 'X-RAY DIFFRACTION' ? 
r_xyhbond_nbd_refined    43  0.137  0.200  ? 'X-RAY DIFFRACTION' ? 
r_symmetry_vdw_refined   38  0.215  0.200  ? 'X-RAY DIFFRACTION' ? 
r_symmetry_hbond_refined 17  0.151  0.200  ? 'X-RAY DIFFRACTION' ? 
r_mcbond_it              474 2.584  2.000  ? 'X-RAY DIFFRACTION' ? 
r_mcangle_it             726 3.444  3.000  ? 'X-RAY DIFFRACTION' ? 
r_scbond_it              231 3.372  2.000  ? 'X-RAY DIFFRACTION' ? 
r_scangle_it             199 5.229  3.000  ? 'X-RAY DIFFRACTION' ? 
# 
_refine_ls_shell.d_res_high                       1.402 
_refine_ls_shell.d_res_low                        1.439 
_refine_ls_shell.pdbx_total_number_of_bins_used   20 
_refine_ls_shell.percent_reflns_obs               56.520 
_refine_ls_shell.number_reflns_R_work             561 
_refine_ls_shell.R_factor_all                     ? 
_refine_ls_shell.R_factor_R_work                  0.451 
_refine_ls_shell.R_factor_R_free                  0.459 
_refine_ls_shell.percent_reflns_R_free            ? 
_refine_ls_shell.number_reflns_R_free             33 
_refine_ls_shell.R_factor_R_free_error            ? 
_refine_ls_shell.number_reflns_all                ? 
_refine_ls_shell.number_reflns_obs                594 
_refine_ls_shell.redundancy_reflns_obs            ? 
_refine_ls_shell.pdbx_refine_id                   'X-RAY DIFFRACTION' 
# 
_struct.entry_id                  2EWH 
_struct.title                     'Carboxysome protein CsoS1A from Halothiobacillus neapolitanus' 
_struct.pdbx_model_details        ? 
_struct.pdbx_CASP_flag            ? 
_struct.pdbx_model_type_details   ? 
# 
_struct_keywords.entry_id        2EWH 
_struct_keywords.pdbx_keywords   CARBOXYSOME 
_struct_keywords.text            'bacterial microcompartment domain, CARBOXYSOME' 
# 
loop_
_struct_asym.id 
_struct_asym.pdbx_blank_PDB_chainid_flag 
_struct_asym.pdbx_modified 
_struct_asym.entity_id 
_struct_asym.details 
A N N 1 ? 
B N N 2 ? 
C N N 3 ? 
D N N 4 ? 
# 
_struct_biol.id                    1 
_struct_biol.details               
;The biological assembly is a hexamer generated from the monomer in the asymmetric unit by the operations: -Y,X-Y,Z; Y-X,-X,Z; -X,-Y,Z; Y,Y-X,Z; X-Y,X,Z.
;
_struct_biol.pdbx_parent_biol_id   ? 
# 
loop_
_struct_conf.conf_type_id 
_struct_conf.id 
_struct_conf.pdbx_PDB_helix_id 
_struct_conf.beg_label_comp_id 
_struct_conf.beg_label_asym_id 
_struct_conf.beg_label_seq_id 
_struct_conf.pdbx_beg_PDB_ins_code 
_struct_conf.end_label_comp_id 
_struct_conf.end_label_asym_id 
_struct_conf.end_label_seq_id 
_struct_conf.pdbx_end_PDB_ins_code 
_struct_conf.beg_auth_comp_id 
_struct_conf.beg_auth_asym_id 
_struct_conf.beg_auth_seq_id 
_struct_conf.end_auth_comp_id 
_struct_conf.end_auth_asym_id 
_struct_conf.end_auth_seq_id 
_struct_conf.pdbx_PDB_helix_class 
_struct_conf.details 
_struct_conf.pdbx_PDB_helix_length 
HELX_P HELX_P1 1 GLY A 16 ? ALA A 31 ? GLY A 16 ALA A 31 1 ? 16 
HELX_P HELX_P2 2 GLU A 53 ? GLU A 69 ? GLU A 53 GLU A 69 1 ? 17 
HELX_P HELX_P3 3 HIS A 85 ? ASN A 90 ? HIS A 85 ASN A 90 1 ? 6  
# 
_struct_conf_type.id          HELX_P 
_struct_conf_type.criteria    ? 
_struct_conf_type.reference   ? 
# 
_struct_sheet.id               A 
_struct_sheet.type             ? 
_struct_sheet.number_strands   4 
_struct_sheet.details          ? 
# 
loop_
_struct_sheet_order.sheet_id 
_struct_sheet_order.range_id_1 
_struct_sheet_order.range_id_2 
_struct_sheet_order.offset 
_struct_sheet_order.sense 
A 1 2 ? anti-parallel 
A 2 3 ? anti-parallel 
A 3 4 ? anti-parallel 
# 
loop_
_struct_sheet_range.sheet_id 
_struct_sheet_range.id 
_struct_sheet_range.beg_label_comp_id 
_struct_sheet_range.beg_label_asym_id 
_struct_sheet_range.beg_label_seq_id 
_struct_sheet_range.pdbx_beg_PDB_ins_code 
_struct_sheet_range.end_label_comp_id 
_struct_sheet_range.end_label_asym_id 
_struct_sheet_range.end_label_seq_id 
_struct_sheet_range.pdbx_end_PDB_ins_code 
_struct_sheet_range.beg_auth_comp_id 
_struct_sheet_range.beg_auth_asym_id 
_struct_sheet_range.beg_auth_seq_id 
_struct_sheet_range.end_auth_comp_id 
_struct_sheet_range.end_auth_asym_id 
_struct_sheet_range.end_auth_seq_id 
A 1 VAL A 33 ? GLY A 42 ? VAL A 33 GLY A 42 
A 2 TYR A 45 ? GLY A 52 ? TYR A 45 GLY A 52 
A 3 ALA A 8  ? ARG A 15 ? ALA A 8  ARG A 15 
A 4 LEU A 75 ? ILE A 81 ? LEU A 75 ILE A 81 
# 
loop_
_pdbx_struct_sheet_hbond.sheet_id 
_pdbx_struct_sheet_hbond.range_id_1 
_pdbx_struct_sheet_hbond.range_id_2 
_pdbx_struct_sheet_hbond.range_1_label_atom_id 
_pdbx_struct_sheet_hbond.range_1_label_comp_id 
_pdbx_struct_sheet_hbond.range_1_label_asym_id 
_pdbx_struct_sheet_hbond.range_1_label_seq_id 
_pdbx_struct_sheet_hbond.range_1_PDB_ins_code 
_pdbx_struct_sheet_hbond.range_1_auth_atom_id 
_pdbx_struct_sheet_hbond.range_1_auth_comp_id 
_pdbx_struct_sheet_hbond.range_1_auth_asym_id 
_pdbx_struct_sheet_hbond.range_1_auth_seq_id 
_pdbx_struct_sheet_hbond.range_2_label_atom_id 
_pdbx_struct_sheet_hbond.range_2_label_comp_id 
_pdbx_struct_sheet_hbond.range_2_label_asym_id 
_pdbx_struct_sheet_hbond.range_2_label_seq_id 
_pdbx_struct_sheet_hbond.range_2_PDB_ins_code 
_pdbx_struct_sheet_hbond.range_2_auth_atom_id 
_pdbx_struct_sheet_hbond.range_2_auth_comp_id 
_pdbx_struct_sheet_hbond.range_2_auth_asym_id 
_pdbx_struct_sheet_hbond.range_2_auth_seq_id 
A 1 2 N GLN A 39 ? N GLN A 39 O THR A 47 ? O THR A 47 
A 2 3 O VAL A 46 ? O VAL A 46 N THR A 14 ? N THR A 14 
A 3 4 N GLU A 13 ? N GLU A 13 O VAL A 76 ? O VAL A 76 
# 
loop_
_struct_site.id 
_struct_site.pdbx_evidence_code 
_struct_site.pdbx_auth_asym_id 
_struct_site.pdbx_auth_comp_id 
_struct_site.pdbx_auth_seq_id 
_struct_site.pdbx_auth_ins_code 
_struct_site.pdbx_num_residues 
_struct_site.details 
AC1 Software A TRS 100  ? 15 'BINDING SITE FOR RESIDUE TRS A 100'  
AC2 Software A EDO 2195 ? 8  'BINDING SITE FOR RESIDUE EDO A 2195' 
# 
loop_
_struct_site_gen.id 
_struct_site_gen.site_id 
_struct_site_gen.pdbx_num_res 
_struct_site_gen.label_comp_id 
_struct_site_gen.label_asym_id 
_struct_site_gen.label_seq_id 
_struct_site_gen.pdbx_auth_ins_code 
_struct_site_gen.auth_comp_id 
_struct_site_gen.auth_asym_id 
_struct_site_gen.auth_seq_id 
_struct_site_gen.label_atom_id 
_struct_site_gen.label_alt_id 
_struct_site_gen.symmetry 
_struct_site_gen.details 
1  AC1 15 GLY A 42 ? GLY A 42   . ? 1_555 ? 
2  AC1 15 GLY A 42 ? GLY A 42   . ? 3_555 ? 
3  AC1 15 GLY A 42 ? GLY A 42   . ? 5_555 ? 
4  AC1 15 GLY A 43 ? GLY A 43   . ? 4_555 ? 
5  AC1 15 GLY A 43 ? GLY A 43   . ? 5_555 ? 
6  AC1 15 GLY A 43 ? GLY A 43   . ? 2_555 ? 
7  AC1 15 GLY A 43 ? GLY A 43   . ? 3_555 ? 
8  AC1 15 GLY A 43 ? GLY A 43   . ? 1_555 ? 
9  AC1 15 GLY A 43 ? GLY A 43   . ? 6_555 ? 
10 AC1 15 EDO C .  ? EDO A 2195 . ? 3_555 ? 
11 AC1 15 EDO C .  ? EDO A 2195 . ? 5_555 ? 
12 AC1 15 EDO C .  ? EDO A 2195 . ? 1_555 ? 
13 AC1 15 EDO C .  ? EDO A 2195 . ? 6_555 ? 
14 AC1 15 EDO C .  ? EDO A 2195 . ? 4_555 ? 
15 AC1 15 EDO C .  ? EDO A 2195 . ? 2_555 ? 
16 AC2 8  PHE A 40 ? PHE A 40   . ? 3_555 ? 
17 AC2 8  GLY A 42 ? GLY A 42   . ? 4_555 ? 
18 AC2 8  TRS B .  ? TRS A 100  . ? 2_555 ? 
19 AC2 8  TRS B .  ? TRS A 100  . ? 3_555 ? 
20 AC2 8  TRS B .  ? TRS A 100  . ? 1_555 ? 
21 AC2 8  TRS B .  ? TRS A 100  . ? 6_555 ? 
22 AC2 8  TRS B .  ? TRS A 100  . ? 4_555 ? 
23 AC2 8  TRS B .  ? TRS A 100  . ? 5_555 ? 
# 
_atom_sites.entry_id                    2EWH 
_atom_sites.fract_transf_matrix[1][1]   -0.01417283 
_atom_sites.fract_transf_matrix[1][2]   0.00681767 
_atom_sites.fract_transf_matrix[1][3]   0.00741418 
_atom_sites.fract_transf_matrix[2][1]   -0.00955488 
_atom_sites.fract_transf_matrix[2][2]   -0.00957864 
_atom_sites.fract_transf_matrix[2][3]   0.01092548 
_atom_sites.fract_transf_matrix[3][1]   0.01916768 
_atom_sites.fract_transf_matrix[3][2]   0.01106602 
_atom_sites.fract_transf_matrix[3][3]   0.02646494 
_atom_sites.fract_transf_vector[1]      0.370634 
_atom_sites.fract_transf_vector[2]      0.144668 
_atom_sites.fract_transf_vector[3]      -0.450766 
# 
loop_
_atom_type.symbol 
C 
N 
O 
S 
# 
loop_
_atom_site.group_PDB 
_atom_site.id 
_atom_site.type_symbol 
_atom_site.label_atom_id 
_atom_site.label_alt_id 
_atom_site.label_comp_id 
_atom_site.label_asym_id 
_atom_site.label_entity_id 
_atom_site.label_seq_id 
_atom_site.pdbx_PDB_ins_code 
_atom_site.Cartn_x 
_atom_site.Cartn_y 
_atom_site.Cartn_z 
_atom_site.occupancy 
_atom_site.B_iso_or_equiv 
_atom_site.pdbx_formal_charge 
_atom_site.auth_seq_id 
_atom_site.auth_comp_id 
_atom_site.auth_asym_id 
_atom_site.auth_atom_id 
_atom_site.pdbx_PDB_model_num 
ATOM   1   N N   . GLY A 1 6  ? -4.446  4.066   14.581  1.00 38.93 ? 6    GLY A N   1 
ATOM   2   C CA  . GLY A 1 6  ? -5.275  3.225   13.657  1.00 36.33 ? 6    GLY A CA  1 
ATOM   3   C C   . GLY A 1 6  ? -4.413  2.109   13.113  1.00 33.10 ? 6    GLY A C   1 
ATOM   4   O O   . GLY A 1 6  ? -3.303  2.353   12.616  1.00 33.04 ? 6    GLY A O   1 
ATOM   5   N N   . ILE A 1 7  ? -4.900  0.874   13.206  1.00 26.61 ? 7    ILE A N   1 
ATOM   6   C CA  . ILE A 1 7  ? -4.045  -0.252  12.844  1.00 28.88 ? 7    ILE A CA  1 
ATOM   7   C C   . ILE A 1 7  ? -4.468  -1.044  11.598  1.00 25.85 ? 7    ILE A C   1 
ATOM   8   O O   . ILE A 1 7  ? -3.896  -2.099  11.336  1.00 26.48 ? 7    ILE A O   1 
ATOM   9   C CB  . ILE A 1 7  ? -3.782  -1.240  14.045  1.00 32.14 ? 7    ILE A CB  1 
ATOM   10  C CG1 . ILE A 1 7  ? -5.092  -1.843  14.558  1.00 33.92 ? 7    ILE A CG1 1 
ATOM   11  C CG2 . ILE A 1 7  ? -2.971  -0.555  15.168  1.00 37.29 ? 7    ILE A CG2 1 
ATOM   12  C CD1 . ILE A 1 7  ? -4.909  -2.998  15.558  1.00 32.82 ? 7    ILE A CD1 1 
ATOM   13  N N   . ALA A 1 8  ? -5.434  -0.534  10.835  1.00 22.03 ? 8    ALA A N   1 
ATOM   14  C CA  . ALA A 1 8  ? -5.809  -1.193  9.571   1.00 21.98 ? 8    ALA A CA  1 
ATOM   15  C C   . ALA A 1 8  ? -4.585  -1.151  8.641   1.00 23.25 ? 8    ALA A C   1 
ATOM   16  O O   . ALA A 1 8  ? -3.737  -0.253  8.777   1.00 25.08 ? 8    ALA A O   1 
ATOM   17  C CB  . ALA A 1 8  ? -6.959  -0.519  8.935   1.00 21.54 ? 8    ALA A CB  1 
ATOM   18  N N   . LEU A 1 9  ? -4.534  -2.089  7.699   1.00 20.43 ? 9    LEU A N   1 
ATOM   19  C CA  . LEU A 1 9  ? -3.390  -2.194  6.779   1.00 18.87 ? 9    LEU A CA  1 
ATOM   20  C C   . LEU A 1 9  ? -3.865  -2.160  5.359   1.00 21.48 ? 9    LEU A C   1 
ATOM   21  O O   . LEU A 1 9  ? -4.786  -2.900  5.001   1.00 21.93 ? 9    LEU A O   1 
ATOM   22  C CB  . LEU A 1 9  ? -2.647  -3.518  7.039   1.00 24.11 ? 9    LEU A CB  1 
ATOM   23  C CG  . LEU A 1 9  ? -1.563  -3.911  6.015   1.00 25.46 ? 9    LEU A CG  1 
ATOM   24  C CD1 . LEU A 1 9  ? -0.347  -2.943  6.074   1.00 21.97 ? 9    LEU A CD1 1 
ATOM   25  C CD2 . LEU A 1 9  ? -1.132  -5.380  6.254   1.00 24.33 ? 9    LEU A CD2 1 
ATOM   26  N N   . GLY A 1 10 ? -3.253  -1.306  4.537   1.00 22.44 ? 10   GLY A N   1 
ATOM   27  C CA  . GLY A 1 10 ? -3.626  -1.256  3.112   1.00 20.33 ? 10   GLY A CA  1 
ATOM   28  C C   . GLY A 1 10 ? -2.356  -1.600  2.344   1.00 23.72 ? 10   GLY A C   1 
ATOM   29  O O   . GLY A 1 10 ? -1.274  -1.230  2.765   1.00 22.09 ? 10   GLY A O   1 
ATOM   30  N N   . MET A 1 11 ? -2.482  -2.341  1.260   1.00 18.74 ? 11   MET A N   1 
ATOM   31  C CA  . MET A 1 11 ? -1.301  -2.780  0.508   1.00 18.95 ? 11   MET A CA  1 
ATOM   32  C C   . MET A 1 11 ? -1.621  -2.736  -0.944  1.00 21.72 ? 11   MET A C   1 
ATOM   33  O O   . MET A 1 11 ? -2.704  -3.204  -1.385  1.00 22.92 ? 11   MET A O   1 
ATOM   34  C CB  . MET A 1 11 ? -0.932  -4.229  0.837   1.00 23.20 ? 11   MET A CB  1 
ATOM   35  C CG  . MET A 1 11 ? -0.581  -4.439  2.282   1.00 29.02 ? 11   MET A CG  1 
ATOM   36  S SD  . MET A 1 11 ? -0.273  -6.203  2.573   1.00 33.35 ? 11   MET A SD  1 
ATOM   37  C CE  . MET A 1 11 ? -1.945  -6.812  2.633   1.00 30.82 ? 11   MET A CE  1 
ATOM   38  N N   . ILE A 1 12 ? -0.652  -2.214  -1.710  1.00 20.73 ? 12   ILE A N   1 
ATOM   39  C CA  . ILE A 1 12 ? -0.760  -2.292  -3.166  1.00 18.27 ? 12   ILE A CA  1 
ATOM   40  C C   . ILE A 1 12 ? 0.564   -2.855  -3.697  1.00 21.91 ? 12   ILE A C   1 
ATOM   41  O O   . ILE A 1 12 ? 1.646   -2.485  -3.209  1.00 22.02 ? 12   ILE A O   1 
ATOM   42  C CB  . ILE A 1 12 ? -1.064  -0.926  -3.788  1.00 22.08 ? 12   ILE A CB  1 
ATOM   43  C CG1 . ILE A 1 12 ? -2.522  -0.548  -3.467  1.00 23.38 ? 12   ILE A CG1 1 
ATOM   44  C CG2 . ILE A 1 12 ? -0.813  -0.933  -5.309  1.00 25.26 ? 12   ILE A CG2 1 
ATOM   45  C CD1 . ILE A 1 12 ? -2.967  0.779   -4.012  1.00 27.14 ? 12   ILE A CD1 1 
ATOM   46  N N   . GLU A 1 13 ? 0.446   -3.808  -4.607  1.00 19.26 ? 13   GLU A N   1 
ATOM   47  C CA  . GLU A 1 13 ? 1.596   -4.404  -5.281  1.00 18.60 ? 13   GLU A CA  1 
ATOM   48  C C   . GLU A 1 13 ? 1.512   -4.107  -6.749  1.00 20.20 ? 13   GLU A C   1 
ATOM   49  O O   . GLU A 1 13 ? 0.450   -4.284  -7.385  1.00 21.60 ? 13   GLU A O   1 
ATOM   50  C CB  . GLU A 1 13 ? 1.578   -5.929  -5.078  1.00 22.30 ? 13   GLU A CB  1 
ATOM   51  C CG  . GLU A 1 13 ? 2.853   -6.660  -5.520  1.00 23.97 ? 13   GLU A CG  1 
ATOM   52  C CD  . GLU A 1 13 ? 3.124   -7.923  -4.643  1.00 28.74 ? 13   GLU A CD  1 
ATOM   53  O OE1 . GLU A 1 13 ? 4.307   -8.119  -4.221  1.00 26.68 ? 13   GLU A OE1 1 
ATOM   54  O OE2 . GLU A 1 13 ? 2.150   -8.673  -4.336  1.00 27.07 ? 13   GLU A OE2 1 
ATOM   55  N N   . THR A 1 14 ? 2.662   -3.703  -7.295  1.00 22.02 ? 14   THR A N   1 
ATOM   56  C CA  . THR A 1 14 ? 2.781   -3.261  -8.680  1.00 21.12 ? 14   THR A CA  1 
ATOM   57  C C   . THR A 1 14 ? 3.907   -3.992  -9.392  1.00 20.42 ? 14   THR A C   1 
ATOM   58  O O   . THR A 1 14 ? 4.707   -4.675  -8.730  1.00 23.41 ? 14   THR A O   1 
ATOM   59  C CB  . THR A 1 14 ? 3.015   -1.737  -8.762  1.00 22.04 ? 14   THR A CB  1 
ATOM   60  O OG1 . THR A 1 14 ? 4.228   -1.365  -8.073  1.00 23.80 ? 14   THR A OG1 1 
ATOM   61  C CG2 . THR A 1 14 ? 1.831   -1.002  -8.042  1.00 23.14 ? 14   THR A CG2 1 
ATOM   62  N N   . ARG A 1 15 ? 3.931   -3.868  -10.736 1.00 20.17 ? 15   ARG A N   1 
ATOM   63  C CA  . ARG A 1 15 ? 5.052   -4.388  -11.531 1.00 16.80 ? 15   ARG A CA  1 
ATOM   64  C C   . ARG A 1 15 ? 5.920   -3.186  -11.818 1.00 22.62 ? 15   ARG A C   1 
ATOM   65  O O   . ARG A 1 15 ? 5.560   -2.295  -12.616 1.00 23.13 ? 15   ARG A O   1 
ATOM   66  C CB  . ARG A 1 15 ? 4.499   -5.010  -12.847 1.00 17.78 ? 15   ARG A CB  1 
ATOM   67  C CG  . ARG A 1 15 ? 3.625   -6.222  -12.580 1.00 20.37 ? 15   ARG A CG  1 
ATOM   68  C CD  . ARG A 1 15 ? 3.024   -6.773  -13.963 1.00 21.56 ? 15   ARG A CD  1 
ATOM   69  N NE  . ARG A 1 15 ? 1.824   -7.564  -13.708 1.00 29.61 ? 15   ARG A NE  1 
ATOM   70  C CZ  . ARG A 1 15 ? 0.583   -7.079  -13.664 1.00 31.16 ? 15   ARG A CZ  1 
ATOM   71  N NH1 . ARG A 1 15 ? 0.316   -5.778  -13.899 1.00 32.28 ? 15   ARG A NH1 1 
ATOM   72  N NH2 . ARG A 1 15 ? -0.416  -7.908  -13.412 1.00 33.67 ? 15   ARG A NH2 1 
ATOM   73  N N   . GLY A 1 16 ? 6.990   -3.057  -11.023 1.00 23.36 ? 16   GLY A N   1 
ATOM   74  C CA  . GLY A 1 16 ? 7.875   -1.918  -11.178 1.00 26.18 ? 16   GLY A CA  1 
ATOM   75  C C   . GLY A 1 16 ? 7.647   -0.886  -10.088 1.00 23.06 ? 16   GLY A C   1 
ATOM   76  O O   . GLY A 1 16 ? 6.616   -0.912  -9.375  1.00 23.65 ? 16   GLY A O   1 
ATOM   77  N N   . LEU A 1 17 ? 8.608   0.018   -9.959  1.00 22.64 ? 17   LEU A N   1 
ATOM   78  C CA  . LEU A 1 17 ? 8.605   0.986   -8.886  1.00 24.03 ? 17   LEU A CA  1 
ATOM   79  C C   . LEU A 1 17 ? 7.721   2.196   -9.227  1.00 23.10 ? 17   LEU A C   1 
ATOM   80  O O   . LEU A 1 17 ? 7.071   2.796   -8.352  1.00 24.50 ? 17   LEU A O   1 
ATOM   81  C CB  . LEU A 1 17 ? 10.041  1.423   -8.607  1.00 22.15 ? 17   LEU A CB  1 
ATOM   82  C CG  . LEU A 1 17 ? 10.167  2.547   -7.566  1.00 22.45 ? 17   LEU A CG  1 
ATOM   83  C CD1 . LEU A 1 17 ? 9.442   2.091   -6.277  1.00 21.01 ? 17   LEU A CD1 1 
ATOM   84  C CD2 . LEU A 1 17 ? 11.640  2.963   -7.343  1.00 24.74 ? 17   LEU A CD2 1 
ATOM   85  N N   . VAL A 1 18 ? 7.705   2.574   -10.498 1.00 22.13 ? 18   VAL A N   1 
ATOM   86  C CA  . VAL A 1 18 ? 6.990   3.831   -10.844 1.00 21.34 ? 18   VAL A CA  1 
ATOM   87  C C   . VAL A 1 18 ? 5.479   3.743   -10.460 1.00 23.47 ? 18   VAL A C   1 
ATOM   88  O O   . VAL A 1 18 ? 4.946   4.682   -9.811  1.00 24.09 ? 18   VAL A O   1 
ATOM   89  C CB  . VAL A 1 18 ? 7.238   4.265   -12.299 1.00 21.35 ? 18   VAL A CB  1 
ATOM   90  C CG1 . VAL A 1 18 ? 6.390   5.529   -12.623 1.00 23.37 ? 18   VAL A CG1 1 
ATOM   91  C CG2 . VAL A 1 18 ? 8.726   4.602   -12.480 1.00 22.35 ? 18   VAL A CG2 1 
ATOM   92  N N   . PRO A 1 19 ? 4.772   2.661   -10.883 1.00 23.59 ? 19   PRO A N   1 
ATOM   93  C CA  . PRO A 1 19 ? 3.387   2.589   -10.414 1.00 23.21 ? 19   PRO A CA  1 
ATOM   94  C C   . PRO A 1 19 ? 3.252   2.499   -8.884  1.00 26.10 ? 19   PRO A C   1 
ATOM   95  O O   . PRO A 1 19 ? 2.249   2.973   -8.351  1.00 22.33 ? 19   PRO A O   1 
ATOM   96  C CB  . PRO A 1 19 ? 2.815   1.338   -11.096 1.00 23.52 ? 19   PRO A CB  1 
ATOM   97  C CG  . PRO A 1 19 ? 4.074   0.520   -11.553 1.00 26.41 ? 19   PRO A CG  1 
ATOM   98  C CD  . PRO A 1 19 ? 5.136   1.530   -11.785 1.00 26.95 ? 19   PRO A CD  1 
ATOM   99  N N   . ALA A 1 20 ? 4.245   1.919   -8.186  1.00 22.24 ? 20   ALA A N   1 
ATOM   100 C CA  . ALA A 1 20 ? 4.180   1.859   -6.713  1.00 24.25 ? 20   ALA A CA  1 
ATOM   101 C C   . ALA A 1 20 ? 4.259   3.268   -6.078  1.00 22.57 ? 20   ALA A C   1 
ATOM   102 O O   . ALA A 1 20 ? 3.558   3.574   -5.113  1.00 22.30 ? 20   ALA A O   1 
ATOM   103 C CB  . ALA A 1 20 ? 5.301   0.964   -6.175  1.00 24.82 ? 20   ALA A CB  1 
ATOM   104 N N   . ILE A 1 21 ? 5.098   4.130   -6.653  1.00 21.53 ? 21   ILE A N   1 
ATOM   105 C CA  . ILE A 1 21 ? 5.207   5.497   -6.146  1.00 22.35 ? 21   ILE A CA  1 
ATOM   106 C C   . ILE A 1 21 ? 3.922   6.265   -6.426  1.00 22.76 ? 21   ILE A C   1 
ATOM   107 O O   . ILE A 1 21 ? 3.471   7.008   -5.589  1.00 24.39 ? 21   ILE A O   1 
ATOM   108 C CB  . ILE A 1 21 ? 6.438   6.240   -6.718  1.00 21.67 ? 21   ILE A CB  1 
ATOM   109 C CG1 . ILE A 1 21 ? 7.716   5.619   -6.145  1.00 23.68 ? 21   ILE A CG1 1 
ATOM   110 C CG2 . ILE A 1 21 ? 6.386   7.747   -6.320  1.00 25.13 ? 21   ILE A CG2 1 
ATOM   111 C CD1 . ILE A 1 21 ? 9.020   6.018   -6.876  1.00 25.97 ? 21   ILE A CD1 1 
ATOM   112 N N   . GLU A 1 22 ? 3.310   6.057   -7.600  1.00 21.86 ? 22   GLU A N   1 
ATOM   113 C CA  . GLU A 1 22 ? 2.004   6.677   -7.874  1.00 23.87 ? 22   GLU A CA  1 
ATOM   114 C C   . GLU A 1 22 ? 0.923   6.161   -6.899  1.00 23.09 ? 22   GLU A C   1 
ATOM   115 O O   . GLU A 1 22 ? 0.081   6.933   -6.389  1.00 22.64 ? 22   GLU A O   1 
ATOM   116 C CB  . GLU A 1 22 ? 1.562   6.393   -9.306  1.00 26.17 ? 22   GLU A CB  1 
ATOM   117 C CG  . GLU A 1 22 ? 0.152   6.908   -9.669  1.00 30.30 ? 22   GLU A CG  1 
ATOM   118 C CD  . GLU A 1 22 ? -0.060  8.402   -9.367  1.00 35.28 ? 22   GLU A CD  1 
ATOM   119 O OE1 . GLU A 1 22 ? 0.867   9.201   -9.572  1.00 33.78 ? 22   GLU A OE1 1 
ATOM   120 O OE2 . GLU A 1 22 ? -1.166  8.773   -8.908  1.00 39.62 ? 22   GLU A OE2 1 
ATOM   121 N N   . ALA A 1 23 ? 0.923   4.860   -6.659  1.00 21.92 ? 23   ALA A N   1 
ATOM   122 C CA  . ALA A 1 23 ? -0.020  4.289   -5.681  1.00 18.13 ? 23   ALA A CA  1 
ATOM   123 C C   . ALA A 1 23 ? 0.173   4.911   -4.303  1.00 20.19 ? 23   ALA A C   1 
ATOM   124 O O   . ALA A 1 23 ? -0.833  5.256   -3.648  1.00 23.31 ? 23   ALA A O   1 
ATOM   125 C CB  . ALA A 1 23 ? 0.172   2.741   -5.593  1.00 23.00 ? 23   ALA A CB  1 
ATOM   126 N N   . ALA A 1 24 ? 1.429   5.028   -3.857  1.00 19.26 ? 24   ALA A N   1 
ATOM   127 C CA  . ALA A 1 24 ? 1.721   5.621   -2.539  1.00 19.80 ? 24   ALA A CA  1 
ATOM   128 C C   . ALA A 1 24 ? 1.220   7.068   -2.468  1.00 22.56 ? 24   ALA A C   1 
ATOM   129 O O   . ALA A 1 24 ? 0.643   7.453   -1.459  1.00 22.48 ? 24   ALA A O   1 
ATOM   130 C CB  . ALA A 1 24 ? 3.134   5.592   -2.240  1.00 21.50 ? 24   ALA A CB  1 
ATOM   131 N N   . ASP A 1 25 ? 1.478   7.839   -3.531  1.00 20.92 ? 25   ASP A N   1 
ATOM   132 C CA  . ASP A 1 25 ? 0.976   9.223   -3.556  1.00 24.60 ? 25   ASP A CA  1 
ATOM   133 C C   . ASP A 1 25 ? -0.548  9.272   -3.521  1.00 24.88 ? 25   ASP A C   1 
ATOM   134 O O   . ASP A 1 25 ? -1.123  10.016  -2.717  1.00 26.09 ? 25   ASP A O   1 
ATOM   135 C CB  . ASP A 1 25 ? 1.536   9.968   -4.776  1.00 23.35 ? 25   ASP A CB  1 
ATOM   136 C CG  . ASP A 1 25 ? 1.200   11.457  -4.764  1.00 27.45 ? 25   ASP A CG  1 
ATOM   137 O OD1 . ASP A 1 25 ? 1.630   12.142  -3.805  1.00 28.60 ? 25   ASP A OD1 1 
ATOM   138 O OD2 . ASP A 1 25 ? 0.515   11.921  -5.706  1.00 27.27 ? 25   ASP A OD2 1 
ATOM   139 N N   . ALA A 1 26 ? -1.218  8.517   -4.396  1.00 22.65 ? 26   ALA A N   1 
ATOM   140 C CA  . ALA A 1 26 ? -2.677  8.554   -4.397  1.00 24.71 ? 26   ALA A CA  1 
ATOM   141 C C   . ALA A 1 26 ? -3.287  8.076   -3.070  1.00 22.82 ? 26   ALA A C   1 
ATOM   142 O O   . ALA A 1 26 ? -4.296  8.632   -2.622  1.00 24.89 ? 26   ALA A O   1 
ATOM   143 C CB  . ALA A 1 26 ? -3.256  7.751   -5.572  1.00 25.42 ? 26   ALA A CB  1 
ATOM   144 N N   . MET A 1 27 ? -2.690  7.050   -2.452  1.00 22.39 ? 27   MET A N   1 
ATOM   145 C CA  . MET A 1 27 ? -3.182  6.531   -1.168  1.00 23.86 ? 27   MET A CA  1 
ATOM   146 C C   . MET A 1 27 ? -3.067  7.604   -0.092  1.00 24.25 ? 27   MET A C   1 
ATOM   147 O O   . MET A 1 27 ? -4.032  7.858   0.665   1.00 24.05 ? 27   MET A O   1 
ATOM   148 C CB  . MET A 1 27 ? -2.396  5.262   -0.728  1.00 23.81 ? 27   MET A CB  1 
ATOM   149 C CG  . MET A 1 27 ? -2.813  4.015   -1.463  1.00 24.35 ? 27   MET A CG  1 
ATOM   150 S SD  . MET A 1 27 ? -2.304  2.465   -0.613  1.00 32.20 ? 27   MET A SD  1 
ATOM   151 C CE  . MET A 1 27 ? -0.635  2.665   -1.178  1.00 22.94 ? 27   MET A CE  1 
ATOM   152 N N   . THR A 1 28 ? -1.897  8.252   -0.030  1.00 24.49 ? 28   THR A N   1 
ATOM   153 C CA  . THR A 1 28 ? -1.635  9.151   1.102   1.00 23.70 ? 28   THR A CA  1 
ATOM   154 C C   . THR A 1 28 ? -2.386  10.482  0.924   1.00 26.30 ? 28   THR A C   1 
ATOM   155 O O   . THR A 1 28 ? -2.688  11.150  1.911   1.00 25.69 ? 28   THR A O   1 
ATOM   156 C CB  . THR A 1 28 ? -0.134  9.403   1.333   1.00 25.42 ? 28   THR A CB  1 
ATOM   157 O OG1 . THR A 1 28 ? 0.480   9.793   0.102   1.00 23.89 ? 28   THR A OG1 1 
ATOM   158 C CG2 . THR A 1 28 ? 0.567   8.132   1.875   1.00 24.04 ? 28   THR A CG2 1 
ATOM   159 N N   . LYS A 1 29 ? -2.706  10.839  -0.324  1.00 24.32 ? 29   LYS A N   1 
ATOM   160 C CA  . LYS A 1 29 ? -3.560  12.033  -0.589  1.00 23.95 ? 29   LYS A CA  1 
ATOM   161 C C   . LYS A 1 29 ? -5.060  11.768  -0.350  1.00 28.15 ? 29   LYS A C   1 
ATOM   162 O O   . LYS A 1 29 ? -5.834  12.706  -0.073  1.00 26.56 ? 29   LYS A O   1 
ATOM   163 C CB  . LYS A 1 29 ? -3.365  12.532  -2.020  1.00 25.08 ? 29   LYS A CB  1 
ATOM   164 C CG  . LYS A 1 29 ? -2.040  13.268  -2.224  1.00 26.40 ? 29   LYS A CG  1 
ATOM   165 C CD  . LYS A 1 29 ? -1.795  13.553  -3.702  1.00 26.30 ? 29   LYS A CD  1 
ATOM   166 C CE  . LYS A 1 29 ? -0.656  14.549  -3.889  1.00 25.98 ? 29   LYS A CE  1 
ATOM   167 N NZ  . LYS A 1 29 ? -0.271  14.622  -5.309  1.00 26.27 ? 29   LYS A NZ  1 
ATOM   168 N N   . ALA A 1 30 ? -5.465  10.496  -0.464  1.00 26.39 ? 30   ALA A N   1 
ATOM   169 C CA  . ALA A 1 30 ? -6.882  10.133  -0.431  1.00 27.24 ? 30   ALA A CA  1 
ATOM   170 C C   . ALA A 1 30 ? -7.503  10.124  0.960   1.00 27.90 ? 30   ALA A C   1 
ATOM   171 O O   . ALA A 1 30 ? -8.710  10.366  1.102   1.00 26.54 ? 30   ALA A O   1 
ATOM   172 C CB  . ALA A 1 30 ? -7.102  8.789   -1.088  1.00 30.18 ? 30   ALA A CB  1 
ATOM   173 N N   . ALA A 1 31 ? -6.705  9.784   1.972   1.00 27.26 ? 31   ALA A N   1 
ATOM   174 C CA  . ALA A 1 31 ? -7.211  9.706   3.339   1.00 26.44 ? 31   ALA A CA  1 
ATOM   175 C C   . ALA A 1 31 ? -6.031  9.706   4.297   1.00 23.63 ? 31   ALA A C   1 
ATOM   176 O O   . ALA A 1 31 ? -4.859  9.597   3.849   1.00 23.60 ? 31   ALA A O   1 
ATOM   177 C CB  . ALA A 1 31 ? -8.056  8.471   3.523   1.00 28.35 ? 31   ALA A CB  1 
ATOM   178 N N   . GLU A 1 32 ? -6.329  9.831   5.588   1.00 23.12 ? 32   GLU A N   1 
ATOM   179 C CA  . GLU A 1 32 ? -5.290  9.952   6.602   1.00 24.84 ? 32   GLU A CA  1 
ATOM   180 C C   . GLU A 1 32 ? -4.678  8.581   6.862   1.00 20.53 ? 32   GLU A C   1 
ATOM   181 O O   . GLU A 1 32 ? -5.117  7.826   7.758   1.00 21.40 ? 32   GLU A O   1 
ATOM   182 C CB  . GLU A 1 32 ? -5.768  10.562  7.926   1.00 27.23 ? 32   GLU A CB  1 
ATOM   183 C CG  . GLU A 1 32 ? -4.534  10.971  8.769   1.00 31.02 ? 32   GLU A CG  1 
ATOM   184 C CD  . GLU A 1 32 ? -4.815  11.487  10.182  1.00 35.13 ? 32   GLU A CD  1 
ATOM   185 O OE1 . GLU A 1 32 ? -5.958  11.375  10.695  1.00 35.43 ? 32   GLU A OE1 1 
ATOM   186 O OE2 . GLU A 1 32 ? -3.849  12.029  10.785  1.00 41.29 ? 32   GLU A OE2 1 
ATOM   187 N N   . VAL A 1 33 ? -3.662  8.275   6.066   1.00 21.57 ? 33   VAL A N   1 
ATOM   188 C CA  . VAL A 1 33 ? -2.904  7.025   6.270   1.00 22.07 ? 33   VAL A CA  1 
ATOM   189 C C   . VAL A 1 33 ? -1.409  7.316   6.295   1.00 24.28 ? 33   VAL A C   1 
ATOM   190 O O   . VAL A 1 33 ? -0.931  8.313   5.697   1.00 25.69 ? 33   VAL A O   1 
ATOM   191 C CB  . VAL A 1 33 ? -3.215  6.002   5.168   1.00 25.72 ? 33   VAL A CB  1 
ATOM   192 C CG1 . VAL A 1 33 ? -4.681  5.604   5.205   1.00 24.38 ? 33   VAL A CG1 1 
ATOM   193 C CG2 . VAL A 1 33 ? -2.809  6.509   3.759   1.00 24.67 ? 33   VAL A CG2 1 
ATOM   194 N N   . ARG A 1 34 ? -0.658  6.445   6.963   1.00 24.18 ? 34   ARG A N   1 
ATOM   195 C CA  . ARG A 1 34 ? 0.788   6.618   7.057   1.00 27.93 ? 34   ARG A CA  1 
ATOM   196 C C   . ARG A 1 34 ? 1.451   5.579   6.190   1.00 23.90 ? 34   ARG A C   1 
ATOM   197 O O   . ARG A 1 34 ? 1.036   4.420   6.203   1.00 23.33 ? 34   ARG A O   1 
ATOM   198 C CB  A ARG A 1 34 ? 1.226   6.427   8.515   0.50 28.51 ? 34   ARG A CB  1 
ATOM   199 C CB  B ARG A 1 34 ? 1.298   6.581   8.506   0.50 28.95 ? 34   ARG A CB  1 
ATOM   200 C CG  A ARG A 1 34 ? 2.723   6.435   8.706   0.50 31.95 ? 34   ARG A CG  1 
ATOM   201 C CG  B ARG A 1 34 ? 0.875   5.376   9.282   0.50 30.35 ? 34   ARG A CG  1 
ATOM   202 C CD  A ARG A 1 34 ? 3.137   6.377   10.173  0.50 34.36 ? 34   ARG A CD  1 
ATOM   203 C CD  B ARG A 1 34 ? 1.374   5.373   10.725  0.50 34.65 ? 34   ARG A CD  1 
ATOM   204 N NE  A ARG A 1 34 ? 4.594   6.274   10.270  0.50 39.87 ? 34   ARG A NE  1 
ATOM   205 N NE  B ARG A 1 34 ? 1.195   4.036   11.297  0.50 38.33 ? 34   ARG A NE  1 
ATOM   206 C CZ  A ARG A 1 34 ? 5.257   5.213   10.726  0.50 41.70 ? 34   ARG A CZ  1 
ATOM   207 C CZ  B ARG A 1 34 ? 1.712   3.614   12.445  0.50 41.26 ? 34   ARG A CZ  1 
ATOM   208 N NH1 A ARG A 1 34 ? 4.606   4.143   11.178  0.50 44.80 ? 34   ARG A NH1 1 
ATOM   209 N NH1 B ARG A 1 34 ? 2.456   4.426   13.194  0.50 41.92 ? 34   ARG A NH1 1 
ATOM   210 N NH2 A ARG A 1 34 ? 6.581   5.234   10.760  0.50 42.67 ? 34   ARG A NH2 1 
ATOM   211 N NH2 B ARG A 1 34 ? 1.474   2.371   12.843  0.50 41.45 ? 34   ARG A NH2 1 
ATOM   212 N N   . LEU A 1 35 ? 2.442   6.001   5.399   1.00 20.90 ? 35   LEU A N   1 
ATOM   213 C CA  . LEU A 1 35 ? 3.149   5.114   4.503   1.00 22.85 ? 35   LEU A CA  1 
ATOM   214 C C   . LEU A 1 35 ? 4.214   4.414   5.338   1.00 25.99 ? 35   LEU A C   1 
ATOM   215 O O   . LEU A 1 35 ? 5.150   5.070   5.840   1.00 27.39 ? 35   LEU A O   1 
ATOM   216 C CB  . LEU A 1 35 ? 3.784   5.948   3.362   1.00 23.96 ? 35   LEU A CB  1 
ATOM   217 C CG  . LEU A 1 35 ? 4.593   5.146   2.322   1.00 25.09 ? 35   LEU A CG  1 
ATOM   218 C CD1 . LEU A 1 35 ? 3.705   4.152   1.566   1.00 26.44 ? 35   LEU A CD1 1 
ATOM   219 C CD2 . LEU A 1 35 ? 5.181   6.167   1.318   1.00 24.50 ? 35   LEU A CD2 1 
ATOM   220 N N   . VAL A 1 36 ? 4.061   3.107   5.567   1.00 25.08 ? 36   VAL A N   1 
ATOM   221 C CA  . VAL A 1 36 ? 4.990   2.470   6.490   1.00 26.46 ? 36   VAL A CA  1 
ATOM   222 C C   . VAL A 1 36 ? 6.095   1.696   5.764   1.00 29.26 ? 36   VAL A C   1 
ATOM   223 O O   . VAL A 1 36 ? 7.121   1.403   6.352   1.00 29.60 ? 36   VAL A O   1 
ATOM   224 C CB  . VAL A 1 36 ? 4.270   1.563   7.523   1.00 25.74 ? 36   VAL A CB  1 
ATOM   225 C CG1 . VAL A 1 36 ? 3.371   2.409   8.392   1.00 26.76 ? 36   VAL A CG1 1 
ATOM   226 C CG2 . VAL A 1 36 ? 3.448   0.482   6.832   1.00 29.25 ? 36   VAL A CG2 1 
ATOM   227 N N   . GLY A 1 37 ? 5.879   1.342   4.497   1.00 25.26 ? 37   GLY A N   1 
ATOM   228 C CA  . GLY A 1 37 ? 6.979   0.694   3.779   1.00 30.10 ? 37   GLY A CA  1 
ATOM   229 C C   . GLY A 1 37 ? 6.844   0.638   2.284   1.00 27.67 ? 37   GLY A C   1 
ATOM   230 O O   . GLY A 1 37 ? 5.751   0.814   1.730   1.00 26.17 ? 37   GLY A O   1 
ATOM   231 N N   . ARG A 1 38 ? 7.976   0.427   1.609   1.00 25.39 ? 38   ARG A N   1 
ATOM   232 C CA  . ARG A 1 38 ? 7.944   0.145   0.176   1.00 22.00 ? 38   ARG A CA  1 
ATOM   233 C C   . ARG A 1 38 ? 8.978   -0.968  0.033   1.00 26.00 ? 38   ARG A C   1 
ATOM   234 O O   . ARG A 1 38 ? 10.150  -0.791  0.478   1.00 26.57 ? 38   ARG A O   1 
ATOM   235 C CB  . ARG A 1 38 ? 8.364   1.375   -0.626  1.00 26.05 ? 38   ARG A CB  1 
ATOM   236 C CG  . ARG A 1 38 ? 8.641   1.116   -2.104  1.00 27.22 ? 38   ARG A CG  1 
ATOM   237 C CD  . ARG A 1 38 ? 10.152  0.874   -2.376  1.00 32.56 ? 38   ARG A CD  1 
ATOM   238 N NE  . ARG A 1 38 ? 11.022  2.053   -2.149  1.00 31.29 ? 38   ARG A NE  1 
ATOM   239 C CZ  . ARG A 1 38 ? 11.796  2.258   -1.074  1.00 37.20 ? 38   ARG A CZ  1 
ATOM   240 N NH1 . ARG A 1 38 ? 11.838  1.382   -0.058  1.00 36.81 ? 38   ARG A NH1 1 
ATOM   241 N NH2 . ARG A 1 38 ? 12.540  3.361   -1.003  1.00 37.08 ? 38   ARG A NH2 1 
ATOM   242 N N   . GLN A 1 39 ? 8.532   -2.125  -0.472  1.00 24.63 ? 39   GLN A N   1 
ATOM   243 C CA  . GLN A 1 39 ? 9.388   -3.327  -0.451  1.00 25.29 ? 39   GLN A CA  1 
ATOM   244 C C   . GLN A 1 39 ? 9.650   -3.808  -1.832  1.00 23.14 ? 39   GLN A C   1 
ATOM   245 O O   . GLN A 1 39 ? 8.701   -3.993  -2.626  1.00 21.77 ? 39   GLN A O   1 
ATOM   246 C CB  . GLN A 1 39 ? 8.759   -4.401  0.460   1.00 26.64 ? 39   GLN A CB  1 
ATOM   247 C CG  . GLN A 1 39 ? 8.702   -3.873  1.944   1.00 33.27 ? 39   GLN A CG  1 
ATOM   248 C CD  . GLN A 1 39 ? 8.637   -4.941  3.049   1.00 37.08 ? 39   GLN A CD  1 
ATOM   249 O OE1 . GLN A 1 39 ? 8.031   -5.994  2.893   1.00 41.08 ? 39   GLN A OE1 1 
ATOM   250 N NE2 . GLN A 1 39 ? 9.241   -4.632  4.191   1.00 41.67 ? 39   GLN A NE2 1 
ATOM   251 N N   . PHE A 1 40 ? 10.926  -3.990  -2.173  1.00 23.23 ? 40   PHE A N   1 
ATOM   252 C CA  . PHE A 1 40 ? 11.298  -4.596  -3.425  1.00 21.48 ? 40   PHE A CA  1 
ATOM   253 C C   . PHE A 1 40 ? 11.300  -6.097  -3.188  1.00 24.69 ? 40   PHE A C   1 
ATOM   254 O O   . PHE A 1 40 ? 12.125  -6.619  -2.457  1.00 26.05 ? 40   PHE A O   1 
ATOM   255 C CB  . PHE A 1 40 ? 12.707  -4.136  -3.845  1.00 23.01 ? 40   PHE A CB  1 
ATOM   256 C CG  . PHE A 1 40 ? 12.804  -2.662  -4.073  1.00 22.62 ? 40   PHE A CG  1 
ATOM   257 C CD1 . PHE A 1 40 ? 13.372  -1.828  -3.080  1.00 27.34 ? 40   PHE A CD1 1 
ATOM   258 C CD2 . PHE A 1 40 ? 12.335  -2.084  -5.253  1.00 28.39 ? 40   PHE A CD2 1 
ATOM   259 C CE1 . PHE A 1 40 ? 13.459  -0.438  -3.274  1.00 32.01 ? 40   PHE A CE1 1 
ATOM   260 C CE2 . PHE A 1 40 ? 12.443  -0.657  -5.457  1.00 22.56 ? 40   PHE A CE2 1 
ATOM   261 C CZ  . PHE A 1 40 ? 13.009  0.138   -4.467  1.00 28.68 ? 40   PHE A CZ  1 
ATOM   262 N N   . VAL A 1 41 ? 10.379  -6.770  -3.865  1.00 20.43 ? 41   VAL A N   1 
ATOM   263 C CA  . VAL A 1 41 ? 9.951   -8.131  -3.475  1.00 22.65 ? 41   VAL A CA  1 
ATOM   264 C C   . VAL A 1 41 ? 10.804  -9.165  -4.200  1.00 19.98 ? 41   VAL A C   1 
ATOM   265 O O   . VAL A 1 41 ? 10.950  -10.324 -3.711  1.00 21.84 ? 41   VAL A O   1 
ATOM   266 C CB  . VAL A 1 41 ? 8.476   -8.341  -3.890  1.00 25.30 ? 41   VAL A CB  1 
ATOM   267 C CG1 . VAL A 1 41 ? 8.026   -9.786  -3.686  1.00 22.59 ? 41   VAL A CG1 1 
ATOM   268 C CG2 . VAL A 1 41 ? 7.541   -7.362  -3.091  1.00 23.17 ? 41   VAL A CG2 1 
ATOM   269 N N   . GLY A 1 42 ? 11.387  -8.745  -5.342  1.00 20.93 ? 42   GLY A N   1 
ATOM   270 C CA  . GLY A 1 42 ? 11.971  -9.688  -6.280  1.00 22.36 ? 42   GLY A CA  1 
ATOM   271 C C   . GLY A 1 42 ? 11.147  -9.838  -7.547  1.00 21.13 ? 42   GLY A C   1 
ATOM   272 O O   . GLY A 1 42 ? 9.904   -9.750  -7.546  1.00 25.04 ? 42   GLY A O   1 
ATOM   273 N N   . GLY A 1 43 ? 11.879  -10.008 -8.648  1.00 16.45 ? 43   GLY A N   1 
ATOM   274 C CA  . GLY A 1 43 ? 11.157  -10.401 -9.920  1.00 13.59 ? 43   GLY A CA  1 
ATOM   275 C C   . GLY A 1 43 ? 10.582  -9.130  -10.546 1.00 21.10 ? 43   GLY A C   1 
ATOM   276 O O   . GLY A 1 43 ? 10.017  -9.207  -11.659 1.00 24.47 ? 43   GLY A O   1 
ATOM   277 N N   . GLY A 1 44 ? 10.673  -7.997  -9.869  1.00 23.77 ? 44   GLY A N   1 
ATOM   278 C CA  . GLY A 1 44 ? 10.044  -6.739  -10.368 1.00 24.04 ? 44   GLY A CA  1 
ATOM   279 C C   . GLY A 1 44 ? 8.812   -6.336  -9.586  1.00 21.35 ? 44   GLY A C   1 
ATOM   280 O O   . GLY A 1 44 ? 8.308   -5.226  -9.769  1.00 22.93 ? 44   GLY A O   1 
ATOM   281 N N   . TYR A 1 45 ? 8.306   -7.209  -8.702  1.00 20.87 ? 45   TYR A N   1 
ATOM   282 C CA  . TYR A 1 45 ? 7.192   -6.779  -7.845  1.00 17.90 ? 45   TYR A CA  1 
ATOM   283 C C   . TYR A 1 45 ? 7.669   -5.737  -6.849  1.00 20.17 ? 45   TYR A C   1 
ATOM   284 O O   . TYR A 1 45 ? 8.773   -5.848  -6.236  1.00 21.29 ? 45   TYR A O   1 
ATOM   285 C CB  . TYR A 1 45 ? 6.668   -7.983  -7.025  1.00 19.56 ? 45   TYR A CB  1 
ATOM   286 C CG  . TYR A 1 45 ? 5.930   -9.055  -7.762  1.00 23.16 ? 45   TYR A CG  1 
ATOM   287 C CD1 . TYR A 1 45 ? 6.345   -10.389 -7.640  1.00 28.16 ? 45   TYR A CD1 1 
ATOM   288 C CD2 . TYR A 1 45 ? 4.778   -8.791  -8.467  1.00 25.23 ? 45   TYR A CD2 1 
ATOM   289 C CE1 . TYR A 1 45 ? 5.637   -11.426 -8.249  1.00 28.28 ? 45   TYR A CE1 1 
ATOM   290 C CE2 . TYR A 1 45 ? 4.050   -9.832  -9.102  1.00 22.59 ? 45   TYR A CE2 1 
ATOM   291 C CZ  . TYR A 1 45 ? 4.494   -11.154 -8.970  1.00 24.61 ? 45   TYR A CZ  1 
ATOM   292 O OH  . TYR A 1 45 ? 3.783   -12.171 -9.621  1.00 23.78 ? 45   TYR A OH  1 
ATOM   293 N N   . VAL A 1 46 ? 6.810   -4.734  -6.644  1.00 19.10 ? 46   VAL A N   1 
ATOM   294 C CA  . VAL A 1 46 ? 7.059   -3.765  -5.568  1.00 18.22 ? 46   VAL A CA  1 
ATOM   295 C C   . VAL A 1 46 ? 5.737   -3.634  -4.766  1.00 21.00 ? 46   VAL A C   1 
ATOM   296 O O   . VAL A 1 46 ? 4.659   -3.560  -5.356  1.00 23.04 ? 46   VAL A O   1 
ATOM   297 C CB  . VAL A 1 46 ? 7.428   -2.365  -6.130  1.00 18.82 ? 46   VAL A CB  1 
ATOM   298 C CG1 . VAL A 1 46 ? 7.788   -1.367  -4.946  1.00 20.32 ? 46   VAL A CG1 1 
ATOM   299 C CG2 . VAL A 1 46 ? 8.672   -2.521  -6.989  1.00 21.73 ? 46   VAL A CG2 1 
ATOM   300 N N   . THR A 1 47 ? 5.874   -3.556  -3.441  1.00 20.27 ? 47   THR A N   1 
ATOM   301 C CA  . THR A 1 47 ? 4.696   -3.455  -2.564  1.00 19.70 ? 47   THR A CA  1 
ATOM   302 C C   . THR A 1 47 ? 4.813   -2.233  -1.712  1.00 21.99 ? 47   THR A C   1 
ATOM   303 O O   . THR A 1 47 ? 5.869   -1.995  -1.122  1.00 24.10 ? 47   THR A O   1 
ATOM   304 C CB  . THR A 1 47 ? 4.482   -4.732  -1.680  1.00 24.56 ? 47   THR A CB  1 
ATOM   305 O OG1 . THR A 1 47 ? 4.089   -5.806  -2.530  1.00 25.72 ? 47   THR A OG1 1 
ATOM   306 C CG2 . THR A 1 47 ? 3.290   -4.517  -0.696  1.00 24.05 ? 47   THR A CG2 1 
ATOM   307 N N   . VAL A 1 48 ? 3.720   -1.447  -1.616  1.00 21.17 ? 48   VAL A N   1 
ATOM   308 C CA  . VAL A 1 48 ? 3.664   -0.294  -0.733  1.00 21.66 ? 48   VAL A CA  1 
ATOM   309 C C   . VAL A 1 48 ? 2.566   -0.554  0.322   1.00 21.09 ? 48   VAL A C   1 
ATOM   310 O O   . VAL A 1 48 ? 1.485   -1.093  0.001   1.00 22.23 ? 48   VAL A O   1 
ATOM   311 C CB  . VAL A 1 48 ? 3.420   1.042   -1.470  1.00 23.00 ? 48   VAL A CB  1 
ATOM   312 C CG1 . VAL A 1 48 ? 4.725   1.457   -2.197  1.00 24.69 ? 48   VAL A CG1 1 
ATOM   313 C CG2 . VAL A 1 48 ? 2.316   0.857   -2.533  1.00 26.90 ? 48   VAL A CG2 1 
ATOM   314 N N   . LEU A 1 49 ? 2.915   -0.198  1.559   1.00 19.96 ? 49   LEU A N   1 
ATOM   315 C CA  . LEU A 1 49 ? 2.091   -0.513  2.724   1.00 22.83 ? 49   LEU A CA  1 
ATOM   316 C C   . LEU A 1 49 ? 1.731   0.774   3.463   1.00 24.43 ? 49   LEU A C   1 
ATOM   317 O O   . LEU A 1 49 ? 2.603   1.621   3.728   1.00 23.07 ? 49   LEU A O   1 
ATOM   318 C CB  A LEU A 1 49 ? 2.849   -1.456  3.671   0.50 24.01 ? 49   LEU A CB  1 
ATOM   319 C CB  B LEU A 1 49 ? 2.834   -1.473  3.675   0.50 25.72 ? 49   LEU A CB  1 
ATOM   320 C CG  A LEU A 1 49 ? 3.456   -2.758  3.124   0.50 24.76 ? 49   LEU A CG  1 
ATOM   321 C CG  B LEU A 1 49 ? 3.302   -2.869  3.220   0.50 28.19 ? 49   LEU A CG  1 
ATOM   322 C CD1 A LEU A 1 49 ? 2.542   -3.388  2.113   0.50 28.01 ? 49   LEU A CD1 1 
ATOM   323 C CD1 B LEU A 1 49 ? 4.029   -3.581  4.338   0.50 29.06 ? 49   LEU A CD1 1 
ATOM   324 C CD2 A LEU A 1 49 ? 4.841   -2.569  2.545   0.50 22.55 ? 49   LEU A CD2 1 
ATOM   325 C CD2 B LEU A 1 49 ? 2.153   -3.724  2.834   0.50 28.71 ? 49   LEU A CD2 1 
ATOM   326 N N   . VAL A 1 50 ? 0.444   0.891   3.837   1.00 22.41 ? 50   VAL A N   1 
ATOM   327 C CA  . VAL A 1 50 ? -0.048  2.014   4.623   1.00 22.58 ? 50   VAL A CA  1 
ATOM   328 C C   . VAL A 1 50 ? -0.834  1.524   5.826   1.00 22.04 ? 50   VAL A C   1 
ATOM   329 O O   . VAL A 1 50 ? -1.393  0.424   5.795   1.00 21.23 ? 50   VAL A O   1 
ATOM   330 C CB  . VAL A 1 50 ? -0.923  3.013   3.817   1.00 22.07 ? 50   VAL A CB  1 
ATOM   331 C CG1 . VAL A 1 50 ? -0.098  3.577   2.598   1.00 21.97 ? 50   VAL A CG1 1 
ATOM   332 C CG2 . VAL A 1 50 ? -2.181  2.354   3.296   1.00 21.89 ? 50   VAL A CG2 1 
ATOM   333 N N   . ARG A 1 51 ? -0.801  2.336   6.893   1.00 21.56 ? 51   ARG A N   1 
ATOM   334 C CA  . ARG A 1 51 ? -1.615  2.049   8.100   1.00 21.55 ? 51   ARG A CA  1 
ATOM   335 C C   . ARG A 1 51 ? -2.524  3.226   8.407   1.00 20.75 ? 51   ARG A C   1 
ATOM   336 O O   . ARG A 1 51 ? -2.187  4.408   8.137   1.00 22.19 ? 51   ARG A O   1 
ATOM   337 C CB  . ARG A 1 51 ? -0.740  1.824   9.334   1.00 21.94 ? 51   ARG A CB  1 
ATOM   338 C CG  . ARG A 1 51 ? 0.366   0.727   9.207   1.00 30.69 ? 51   ARG A CG  1 
ATOM   339 C CD  . ARG A 1 51 ? -0.180  -0.660  8.965   1.00 27.90 ? 51   ARG A CD  1 
ATOM   340 N NE  . ARG A 1 51 ? -0.966  -1.300  10.031  1.00 26.20 ? 51   ARG A NE  1 
ATOM   341 C CZ  . ARG A 1 51 ? -0.458  -2.062  11.014  1.00 29.27 ? 51   ARG A CZ  1 
ATOM   342 N NH1 . ARG A 1 51 ? 0.859   -2.235  11.169  1.00 28.52 ? 51   ARG A NH1 1 
ATOM   343 N NH2 . ARG A 1 51 ? -1.265  -2.649  11.869  1.00 27.26 ? 51   ARG A NH2 1 
ATOM   344 N N   . GLY A 1 52 ? -3.652  2.929   9.039   1.00 20.92 ? 52   GLY A N   1 
ATOM   345 C CA  . GLY A 1 52 ? -4.574  3.997   9.421   1.00 20.64 ? 52   GLY A CA  1 
ATOM   346 C C   . GLY A 1 52 ? -5.849  3.401   9.995   1.00 22.52 ? 52   GLY A C   1 
ATOM   347 O O   . GLY A 1 52 ? -5.915  2.198   10.223  1.00 23.59 ? 52   GLY A O   1 
ATOM   348 N N   . GLU A 1 53 ? -6.864  4.238   10.224  1.00 21.28 ? 53   GLU A N   1 
ATOM   349 C CA  . GLU A 1 53 ? -8.162  3.729   10.640  1.00 22.35 ? 53   GLU A CA  1 
ATOM   350 C C   . GLU A 1 53 ? -8.814  3.072   9.425   1.00 25.50 ? 53   GLU A C   1 
ATOM   351 O O   . GLU A 1 53 ? -8.446  3.361   8.287   1.00 24.32 ? 53   GLU A O   1 
ATOM   352 C CB  . GLU A 1 53 ? -9.027  4.863   11.198  1.00 25.40 ? 53   GLU A CB  1 
ATOM   353 C CG  . GLU A 1 53 ? -8.390  5.574   12.398  1.00 33.00 ? 53   GLU A CG  1 
ATOM   354 C CD  . GLU A 1 53 ? -8.356  4.744   13.701  1.00 42.00 ? 53   GLU A CD  1 
ATOM   355 O OE1 . GLU A 1 53 ? -8.917  3.614   13.767  1.00 42.37 ? 53   GLU A OE1 1 
ATOM   356 O OE2 . GLU A 1 53 ? -7.732  5.235   14.678  1.00 45.85 ? 53   GLU A OE2 1 
ATOM   357 N N   . THR A 1 54 ? -9.729  2.147   9.692   1.00 25.37 ? 54   THR A N   1 
ATOM   358 C CA  . THR A 1 54 ? -10.368 1.299   8.674   1.00 27.04 ? 54   THR A CA  1 
ATOM   359 C C   . THR A 1 54 ? -10.956 2.094   7.520   1.00 23.37 ? 54   THR A C   1 
ATOM   360 O O   . THR A 1 54 ? -10.630 1.849   6.360   1.00 26.63 ? 54   THR A O   1 
ATOM   361 C CB  . THR A 1 54 ? -11.482 0.423   9.311   1.00 28.88 ? 54   THR A CB  1 
ATOM   362 O OG1 . THR A 1 54 ? -10.929 -0.265  10.429  1.00 31.90 ? 54   THR A OG1 1 
ATOM   363 C CG2 . THR A 1 54 ? -12.048 -0.565  8.319   1.00 27.93 ? 54   THR A CG2 1 
ATOM   364 N N   . GLY A 1 55 ? -11.810 3.064   7.832   1.00 25.45 ? 55   GLY A N   1 
ATOM   365 C CA  . GLY A 1 55 ? -12.373 3.910   6.803   1.00 23.00 ? 55   GLY A CA  1 
ATOM   366 C C   . GLY A 1 55 ? -11.313 4.611   5.951   1.00 21.56 ? 55   GLY A C   1 
ATOM   367 O O   . GLY A 1 55 ? -11.429 4.662   4.731   1.00 21.92 ? 55   GLY A O   1 
ATOM   368 N N   . ALA A 1 56 ? -10.296 5.185   6.598   1.00 21.01 ? 56   ALA A N   1 
ATOM   369 C CA  . ALA A 1 56 ? -9.203  5.841   5.860   1.00 22.01 ? 56   ALA A CA  1 
ATOM   370 C C   . ALA A 1 56 ? -8.471  4.834   4.940   1.00 21.21 ? 56   ALA A C   1 
ATOM   371 O O   . ALA A 1 56 ? -8.155  5.157   3.794   1.00 23.59 ? 56   ALA A O   1 
ATOM   372 C CB  . ALA A 1 56 ? -8.216  6.468   6.851   1.00 22.09 ? 56   ALA A CB  1 
ATOM   373 N N   . VAL A 1 57 ? -8.199  3.629   5.437   1.00 22.08 ? 57   VAL A N   1 
ATOM   374 C CA  . VAL A 1 57 ? -7.450  2.650   4.620   1.00 19.46 ? 57   VAL A CA  1 
ATOM   375 C C   . VAL A 1 57 ? -8.324  2.178   3.415   1.00 20.81 ? 57   VAL A C   1 
ATOM   376 O O   . VAL A 1 57 ? -7.810  2.064   2.324   1.00 22.90 ? 57   VAL A O   1 
ATOM   377 C CB  . VAL A 1 57 ? -6.937  1.491   5.481   1.00 23.43 ? 57   VAL A CB  1 
ATOM   378 C CG1 . VAL A 1 57 ? -6.408  0.340   4.615   1.00 24.05 ? 57   VAL A CG1 1 
ATOM   379 C CG2 . VAL A 1 57 ? -5.858  2.030   6.504   1.00 22.29 ? 57   VAL A CG2 1 
ATOM   380 N N   . ASN A 1 58 ? -9.637  1.985   3.624   1.00 22.31 ? 58   ASN A N   1 
ATOM   381 C CA  . ASN A 1 58 ? -10.555 1.624   2.524   1.00 23.49 ? 58   ASN A CA  1 
ATOM   382 C C   . ASN A 1 58 ? -10.453 2.691   1.417   1.00 24.87 ? 58   ASN A C   1 
ATOM   383 O O   . ASN A 1 58 ? -10.256 2.369   0.245   1.00 25.55 ? 58   ASN A O   1 
ATOM   384 C CB  . ASN A 1 58 ? -12.022 1.542   3.024   1.00 26.71 ? 58   ASN A CB  1 
ATOM   385 C CG  . ASN A 1 58 ? -12.282 0.361   3.934   1.00 35.08 ? 58   ASN A CG  1 
ATOM   386 O OD1 . ASN A 1 58 ? -11.619 -0.672  3.841   1.00 37.89 ? 58   ASN A OD1 1 
ATOM   387 N ND2 . ASN A 1 58 ? -13.286 0.495   4.816   1.00 41.85 ? 58   ASN A ND2 1 
ATOM   388 N N   . ALA A 1 59 ? -10.563 3.962   1.801   1.00 24.61 ? 59   ALA A N   1 
ATOM   389 C CA  . ALA A 1 59 ? -10.538 5.049   0.815   1.00 24.90 ? 59   ALA A CA  1 
ATOM   390 C C   . ALA A 1 59 ? -9.183  5.071   0.093   1.00 26.22 ? 59   ALA A C   1 
ATOM   391 O O   . ALA A 1 59 ? -9.121  5.209   -1.122  1.00 25.07 ? 59   ALA A O   1 
ATOM   392 C CB  . ALA A 1 59 ? -10.798 6.393   1.471   1.00 25.29 ? 59   ALA A CB  1 
ATOM   393 N N   . ALA A 1 60 ? -8.113  4.933   0.877   1.00 23.35 ? 60   ALA A N   1 
ATOM   394 C CA  . ALA A 1 60 ? -6.743  5.055   0.359   1.00 25.34 ? 60   ALA A CA  1 
ATOM   395 C C   . ALA A 1 60 ? -6.451  3.970   -0.657  1.00 24.34 ? 60   ALA A C   1 
ATOM   396 O O   . ALA A 1 60 ? -5.938  4.259   -1.746  1.00 24.65 ? 60   ALA A O   1 
ATOM   397 C CB  . ALA A 1 60 ? -5.722  5.014   1.506   1.00 25.11 ? 60   ALA A CB  1 
ATOM   398 N N   . VAL A 1 61 ? -6.774  2.727   -0.316  1.00 22.62 ? 61   VAL A N   1 
ATOM   399 C CA  . VAL A 1 61 ? -6.412  1.609   -1.189  1.00 25.05 ? 61   VAL A CA  1 
ATOM   400 C C   . VAL A 1 61 ? -7.217  1.706   -2.492  1.00 23.32 ? 61   VAL A C   1 
ATOM   401 O O   . VAL A 1 61 ? -6.701  1.443   -3.601  1.00 25.73 ? 61   VAL A O   1 
ATOM   402 C CB  . VAL A 1 61 ? -6.646  0.258   -0.497  1.00 24.63 ? 61   VAL A CB  1 
ATOM   403 C CG1 . VAL A 1 61 ? -6.548  -0.879  -1.512  1.00 24.35 ? 61   VAL A CG1 1 
ATOM   404 C CG2 . VAL A 1 61 ? -5.629  0.082   0.632   1.00 22.28 ? 61   VAL A CG2 1 
ATOM   405 N N   . ARG A 1 62 ? -8.459  2.158   -2.366  1.00 22.79 ? 62   ARG A N   1 
ATOM   406 C CA  . ARG A 1 62 ? -9.293  2.319   -3.574  1.00 21.97 ? 62   ARG A CA  1 
ATOM   407 C C   . ARG A 1 62 ? -8.680  3.383   -4.508  1.00 23.15 ? 62   ARG A C   1 
ATOM   408 O O   . ARG A 1 62 ? -8.579  3.172   -5.720  1.00 27.08 ? 62   ARG A O   1 
ATOM   409 C CB  . ARG A 1 62 ? -10.723 2.719   -3.169  1.00 28.62 ? 62   ARG A CB  1 
ATOM   410 C CG  . ARG A 1 62 ? -11.513 1.490   -2.780  1.00 37.80 ? 62   ARG A CG  1 
ATOM   411 C CD  . ARG A 1 62 ? -12.856 1.755   -2.123  1.00 43.11 ? 62   ARG A CD  1 
ATOM   412 N NE  . ARG A 1 62 ? -13.364 0.473   -1.636  1.00 50.84 ? 62   ARG A NE  1 
ATOM   413 C CZ  . ARG A 1 62 ? -14.172 0.319   -0.589  1.00 57.50 ? 62   ARG A CZ  1 
ATOM   414 N NH1 . ARG A 1 62 ? -14.592 1.379   0.106   1.00 57.70 ? 62   ARG A NH1 1 
ATOM   415 N NH2 . ARG A 1 62 ? -14.563 -0.907  -0.238  1.00 58.46 ? 62   ARG A NH2 1 
ATOM   416 N N   . ALA A 1 63 ? -8.259  4.508   -3.926  1.00 25.69 ? 63   ALA A N   1 
ATOM   417 C CA  . ALA A 1 63 ? -7.682  5.605   -4.701  1.00 26.33 ? 63   ALA A CA  1 
ATOM   418 C C   . ALA A 1 63 ? -6.343  5.162   -5.324  1.00 24.15 ? 63   ALA A C   1 
ATOM   419 O O   . ALA A 1 63 ? -6.058  5.495   -6.462  1.00 25.29 ? 63   ALA A O   1 
ATOM   420 C CB  . ALA A 1 63 ? -7.487  6.843   -3.826  1.00 25.80 ? 63   ALA A CB  1 
ATOM   421 N N   . GLY A 1 64 ? -5.523  4.430   -4.568  1.00 22.68 ? 64   GLY A N   1 
ATOM   422 C CA  . GLY A 1 64 ? -4.224  3.987   -5.090  1.00 24.14 ? 64   GLY A CA  1 
ATOM   423 C C   . GLY A 1 64 ? -4.320  2.970   -6.229  1.00 24.35 ? 64   GLY A C   1 
ATOM   424 O O   . GLY A 1 64 ? -3.551  3.036   -7.193  1.00 26.51 ? 64   GLY A O   1 
ATOM   425 N N   . ALA A 1 65 ? -5.263  2.038   -6.119  1.00 26.79 ? 65   ALA A N   1 
ATOM   426 C CA  . ALA A 1 65 ? -5.532  1.054   -7.200  1.00 25.74 ? 65   ALA A CA  1 
ATOM   427 C C   . ALA A 1 65 ? -5.952  1.733   -8.527  1.00 26.21 ? 65   ALA A C   1 
ATOM   428 O O   . ALA A 1 65 ? -5.369  1.472   -9.597  1.00 28.04 ? 65   ALA A O   1 
ATOM   429 C CB  . ALA A 1 65 ? -6.590  0.045   -6.757  1.00 26.26 ? 65   ALA A CB  1 
ATOM   430 N N   . ASP A 1 66 ? -6.939  2.632   -8.432  1.00 25.82 ? 66   ASP A N   1 
ATOM   431 C CA  . ASP A 1 66 ? -7.400  3.446   -9.582  1.00 29.67 ? 66   ASP A CA  1 
ATOM   432 C C   . ASP A 1 66 ? -6.278  4.238   -10.245 1.00 29.10 ? 66   ASP A C   1 
ATOM   433 O O   . ASP A 1 66 ? -6.222  4.347   -11.461 1.00 28.54 ? 66   ASP A O   1 
ATOM   434 C CB  . ASP A 1 66 ? -8.465  4.441   -9.144  1.00 33.40 ? 66   ASP A CB  1 
ATOM   435 C CG  . ASP A 1 66 ? -9.778  3.778   -8.788  1.00 41.51 ? 66   ASP A CG  1 
ATOM   436 O OD1 . ASP A 1 66 ? -9.858  2.523   -8.878  1.00 44.11 ? 66   ASP A OD1 1 
ATOM   437 O OD2 . ASP A 1 66 ? -10.731 4.518   -8.408  1.00 43.76 ? 66   ASP A OD2 1 
ATOM   438 N N   . ALA A 1 67 ? -5.389  4.790   -9.431  1.00 25.69 ? 67   ALA A N   1 
ATOM   439 C CA  . ALA A 1 67 ? -4.323  5.652   -9.910  1.00 24.18 ? 67   ALA A CA  1 
ATOM   440 C C   . ALA A 1 67 ? -3.190  4.849   -10.554 1.00 29.59 ? 67   ALA A C   1 
ATOM   441 O O   . ALA A 1 67 ? -2.729  5.193   -11.658 1.00 31.58 ? 67   ALA A O   1 
ATOM   442 C CB  . ALA A 1 67 ? -3.773  6.479   -8.750  1.00 26.54 ? 67   ALA A CB  1 
ATOM   443 N N   . CYS A 1 68 ? -2.735  3.778   -9.900  1.00 25.41 ? 68   CYS A N   1 
ATOM   444 C CA  . CYS A 1 68 ? -1.522  3.115   -10.435 1.00 25.13 ? 68   CYS A CA  1 
ATOM   445 C C   . CYS A 1 68 ? -1.764  2.139   -11.597 1.00 27.29 ? 68   CYS A C   1 
ATOM   446 O O   . CYS A 1 68 ? -0.814  1.776   -12.339 1.00 25.00 ? 68   CYS A O   1 
ATOM   447 C CB  . CYS A 1 68 ? -0.726  2.444   -9.341  1.00 27.99 ? 68   CYS A CB  1 
ATOM   448 S SG  . CYS A 1 68 ? -1.450  0.913   -8.779  1.00 28.94 ? 68   CYS A SG  1 
ATOM   449 N N   . GLU A 1 69 ? -3.014  1.709   -11.744 1.00 28.11 ? 69   GLU A N   1 
ATOM   450 C CA  . GLU A 1 69 ? -3.445  0.806   -12.832 1.00 33.66 ? 69   GLU A CA  1 
ATOM   451 C C   . GLU A 1 69 ? -2.954  1.241   -14.213 1.00 37.07 ? 69   GLU A C   1 
ATOM   452 O O   . GLU A 1 69 ? -2.618  0.409   -15.051 1.00 35.52 ? 69   GLU A O   1 
ATOM   453 C CB  . GLU A 1 69 ? -4.964  0.775   -12.862 1.00 38.87 ? 69   GLU A CB  1 
ATOM   454 C CG  . GLU A 1 69 ? -5.587  -0.475  -13.418 1.00 45.70 ? 69   GLU A CG  1 
ATOM   455 C CD  . GLU A 1 69 ? -7.062  -0.581  -13.030 1.00 48.49 ? 69   GLU A CD  1 
ATOM   456 O OE1 . GLU A 1 69 ? -7.758  0.452   -13.045 1.00 48.84 ? 69   GLU A OE1 1 
ATOM   457 O OE2 . GLU A 1 69 ? -7.518  -1.695  -12.693 1.00 53.69 ? 69   GLU A OE2 1 
ATOM   458 N N   . ARG A 1 70 ? -2.929  2.550   -14.453 1.00 35.55 ? 70   ARG A N   1 
ATOM   459 C CA  . ARG A 1 70 ? -2.555  3.080   -15.763 1.00 38.51 ? 70   ARG A CA  1 
ATOM   460 C C   . ARG A 1 70 ? -1.114  3.560   -15.886 1.00 35.58 ? 70   ARG A C   1 
ATOM   461 O O   . ARG A 1 70 ? -0.792  4.256   -16.838 1.00 39.23 ? 70   ARG A O   1 
ATOM   462 C CB  . ARG A 1 70 ? -3.506  4.226   -16.149 1.00 43.01 ? 70   ARG A CB  1 
ATOM   463 C CG  . ARG A 1 70 ? -4.056  5.058   -14.990 1.00 44.93 ? 70   ARG A CG  1 
ATOM   464 C CD  . ARG A 1 70 ? -5.270  5.886   -15.473 1.00 47.24 ? 70   ARG A CD  1 
ATOM   465 N NE  . ARG A 1 70 ? -6.381  5.001   -15.839 1.00 52.81 ? 70   ARG A NE  1 
ATOM   466 C CZ  . ARG A 1 70 ? -7.208  5.174   -16.872 1.00 53.72 ? 70   ARG A CZ  1 
ATOM   467 N NH1 . ARG A 1 70 ? -7.082  6.216   -17.701 1.00 53.47 ? 70   ARG A NH1 1 
ATOM   468 N NH2 . ARG A 1 70 ? -8.173  4.283   -17.076 1.00 53.91 ? 70   ARG A NH2 1 
ATOM   469 N N   . VAL A 1 71 ? -0.257  3.213   -14.923 1.00 26.16 ? 71   VAL A N   1 
ATOM   470 C CA  . VAL A 1 71 ? 1.117   3.681   -14.905 1.00 25.88 ? 71   VAL A CA  1 
ATOM   471 C C   . VAL A 1 71 ? 2.055   2.494   -15.152 1.00 25.88 ? 71   VAL A C   1 
ATOM   472 O O   . VAL A 1 71 ? 1.946   1.451   -14.482 1.00 26.54 ? 71   VAL A O   1 
ATOM   473 C CB  . VAL A 1 71 ? 1.441   4.376   -13.544 1.00 23.02 ? 71   VAL A CB  1 
ATOM   474 C CG1 . VAL A 1 71 ? 2.919   4.789   -13.423 1.00 24.34 ? 71   VAL A CG1 1 
ATOM   475 C CG2 . VAL A 1 71 ? 0.546   5.607   -13.338 1.00 25.69 ? 71   VAL A CG2 1 
ATOM   476 N N   . GLY A 1 72 ? 2.980   2.636   -16.108 1.00 24.94 ? 72   GLY A N   1 
ATOM   477 C CA  . GLY A 1 72 ? 3.976   1.568   -16.318 1.00 28.31 ? 72   GLY A CA  1 
ATOM   478 C C   . GLY A 1 72 ? 3.370   0.194   -16.548 1.00 26.36 ? 72   GLY A C   1 
ATOM   479 O O   . GLY A 1 72 ? 2.377   0.048   -17.274 1.00 25.20 ? 72   GLY A O   1 
ATOM   480 N N   . ASP A 1 73 ? 3.974   -0.829  -15.952 1.00 26.02 ? 73   ASP A N   1 
ATOM   481 C CA  . ASP A 1 73 ? 3.434   -2.189  -16.058 1.00 25.66 ? 73   ASP A CA  1 
ATOM   482 C C   . ASP A 1 73 ? 2.250   -2.474  -15.109 1.00 29.93 ? 73   ASP A C   1 
ATOM   483 O O   . ASP A 1 73 ? 1.681   -3.580  -15.107 1.00 30.32 ? 73   ASP A O   1 
ATOM   484 C CB  . ASP A 1 73 ? 4.566   -3.232  -15.976 1.00 24.17 ? 73   ASP A CB  1 
ATOM   485 C CG  . ASP A 1 73 ? 5.354   -3.329  -17.295 1.00 29.06 ? 73   ASP A CG  1 
ATOM   486 O OD1 . ASP A 1 73 ? 4.876   -2.767  -18.310 1.00 28.24 ? 73   ASP A OD1 1 
ATOM   487 O OD2 . ASP A 1 73 ? 6.430   -3.978  -17.330 1.00 26.54 ? 73   ASP A OD2 1 
ATOM   488 N N   . GLY A 1 74 ? 1.856   -1.463  -14.335 1.00 26.07 ? 74   GLY A N   1 
ATOM   489 C CA  . GLY A 1 74 ? 0.548   -1.497  -13.689 1.00 25.38 ? 74   GLY A CA  1 
ATOM   490 C C   . GLY A 1 74 ? 0.417   -2.288  -12.400 1.00 24.96 ? 74   GLY A C   1 
ATOM   491 O O   . GLY A 1 74 ? 1.404   -2.511  -11.643 1.00 21.81 ? 74   GLY A O   1 
ATOM   492 N N   . LEU A 1 75 ? -0.828  -2.665  -12.131 1.00 21.96 ? 75   LEU A N   1 
ATOM   493 C CA  . LEU A 1 75 ? -1.278  -3.119  -10.807 1.00 22.15 ? 75   LEU A CA  1 
ATOM   494 C C   . LEU A 1 75 ? -1.342  -4.630  -10.686 1.00 21.38 ? 75   LEU A C   1 
ATOM   495 O O   . LEU A 1 75 ? -1.862  -5.289  -11.574 1.00 22.82 ? 75   LEU A O   1 
ATOM   496 C CB  . LEU A 1 75 ? -2.655  -2.542  -10.497 1.00 21.08 ? 75   LEU A CB  1 
ATOM   497 C CG  . LEU A 1 75 ? -3.402  -2.986  -9.225  1.00 22.51 ? 75   LEU A CG  1 
ATOM   498 C CD1 . LEU A 1 75 ? -2.675  -2.471  -7.962  1.00 22.93 ? 75   LEU A CD1 1 
ATOM   499 C CD2 . LEU A 1 75 ? -4.875  -2.510  -9.261  1.00 25.58 ? 75   LEU A CD2 1 
ATOM   500 N N   . VAL A 1 76 ? -0.853  -5.156  -9.573  1.00 18.80 ? 76   VAL A N   1 
ATOM   501 C CA  . VAL A 1 76 ? -0.917  -6.609  -9.313  1.00 19.43 ? 76   VAL A CA  1 
ATOM   502 C C   . VAL A 1 76 ? -1.990  -6.910  -8.279  1.00 22.69 ? 76   VAL A C   1 
ATOM   503 O O   . VAL A 1 76 ? -2.826  -7.803  -8.482  1.00 24.04 ? 76   VAL A O   1 
ATOM   504 C CB  . VAL A 1 76 ? 0.468   -7.185  -8.847  1.00 21.48 ? 76   VAL A CB  1 
ATOM   505 C CG1 . VAL A 1 76 ? 0.358   -8.635  -8.423  1.00 22.98 ? 76   VAL A CG1 1 
ATOM   506 C CG2 . VAL A 1 76 ? 1.502   -7.025  -9.938  1.00 22.68 ? 76   VAL A CG2 1 
ATOM   507 N N   . ALA A 1 77 ? -1.916  -6.205  -7.151  1.00 20.97 ? 77   ALA A N   1 
ATOM   508 C CA  . ALA A 1 77 ? -2.839  -6.490  -6.028  1.00 25.07 ? 77   ALA A CA  1 
ATOM   509 C C   . ALA A 1 77 ? -3.213  -5.233  -5.269  1.00 23.38 ? 77   ALA A C   1 
ATOM   510 O O   . ALA A 1 77 ? -2.407  -4.344  -5.129  1.00 22.79 ? 77   ALA A O   1 
ATOM   511 C CB  . ALA A 1 77 ? -2.167  -7.496  -5.051  1.00 26.04 ? 77   ALA A CB  1 
ATOM   512 N N   . ALA A 1 78 ? -4.439  -5.177  -4.750  1.00 22.27 ? 78   ALA A N   1 
ATOM   513 C CA  . ALA A 1 78 ? -4.862  -4.080  -3.902  1.00 23.26 ? 78   ALA A CA  1 
ATOM   514 C C   . ALA A 1 78 ? -5.699  -4.778  -2.836  1.00 23.36 ? 78   ALA A C   1 
ATOM   515 O O   . ALA A 1 78 ? -6.691  -5.435  -3.158  1.00 23.91 ? 78   ALA A O   1 
ATOM   516 C CB  . ALA A 1 78 ? -5.725  -3.065  -4.670  1.00 25.21 ? 78   ALA A CB  1 
ATOM   517 N N   . HIS A 1 79 ? -5.278  -4.665  -1.583  1.00 21.44 ? 79   HIS A N   1 
ATOM   518 C CA  . HIS A 1 79 ? -5.880  -5.484  -0.552  1.00 23.08 ? 79   HIS A CA  1 
ATOM   519 C C   . HIS A 1 79 ? -5.885  -4.753  0.779   1.00 23.22 ? 79   HIS A C   1 
ATOM   520 O O   . HIS A 1 79 ? -4.973  -3.977  1.067   1.00 24.19 ? 79   HIS A O   1 
ATOM   521 C CB  . HIS A 1 79 ? -5.063  -6.781  -0.437  1.00 21.85 ? 79   HIS A CB  1 
ATOM   522 C CG  . HIS A 1 79 ? -5.674  -7.800  0.465   1.00 24.78 ? 79   HIS A CG  1 
ATOM   523 N ND1 . HIS A 1 79 ? -6.846  -8.446  0.158   1.00 28.42 ? 79   HIS A ND1 1 
ATOM   524 C CD2 . HIS A 1 79 ? -5.266  -8.298  1.659   1.00 28.73 ? 79   HIS A CD2 1 
ATOM   525 C CE1 . HIS A 1 79 ? -7.158  -9.284  1.139   1.00 29.59 ? 79   HIS A CE1 1 
ATOM   526 N NE2 . HIS A 1 79 ? -6.208  -9.217  2.060   1.00 29.70 ? 79   HIS A NE2 1 
ATOM   527 N N   . ILE A 1 80 ? -6.913  -5.007  1.590   1.00 20.86 ? 80   ILE A N   1 
ATOM   528 C CA  . ILE A 1 80 ? -6.982  -4.405  2.920   1.00 23.18 ? 80   ILE A CA  1 
ATOM   529 C C   . ILE A 1 80 ? -7.124  -5.512  3.955   1.00 21.32 ? 80   ILE A C   1 
ATOM   530 O O   . ILE A 1 80 ? -7.832  -6.468  3.721   1.00 22.80 ? 80   ILE A O   1 
ATOM   531 C CB  . ILE A 1 80 ? -8.238  -3.515  3.047   1.00 26.01 ? 80   ILE A CB  1 
ATOM   532 C CG1 . ILE A 1 80 ? -8.145  -2.334  2.082   1.00 30.00 ? 80   ILE A CG1 1 
ATOM   533 C CG2 . ILE A 1 80 ? -8.423  -3.010  4.487   1.00 30.03 ? 80   ILE A CG2 1 
ATOM   534 C CD1 . ILE A 1 80 ? -9.515  -1.819  1.632   1.00 33.89 ? 80   ILE A CD1 1 
ATOM   535 N N   . ILE A 1 81 ? -6.412  -5.371  5.072   1.00 20.02 ? 81   ILE A N   1 
ATOM   536 C CA  . ILE A 1 81 ? -6.692  -6.145  6.261   1.00 22.86 ? 81   ILE A CA  1 
ATOM   537 C C   . ILE A 1 81 ? -6.964  -5.182  7.398   1.00 22.97 ? 81   ILE A C   1 
ATOM   538 O O   . ILE A 1 81 ? -6.042  -4.511  7.875   1.00 24.46 ? 81   ILE A O   1 
ATOM   539 C CB  . ILE A 1 81 ? -5.524  -7.071  6.653   1.00 23.50 ? 81   ILE A CB  1 
ATOM   540 C CG1 . ILE A 1 81 ? -5.163  -7.996  5.467   1.00 25.00 ? 81   ILE A CG1 1 
ATOM   541 C CG2 . ILE A 1 81 ? -5.928  -7.907  7.869   1.00 25.24 ? 81   ILE A CG2 1 
ATOM   542 C CD1 . ILE A 1 81 ? -3.799  -8.775  5.612   1.00 24.07 ? 81   ILE A CD1 1 
ATOM   543 N N   . ALA A 1 82 ? -8.207  -5.137  7.873   1.00 21.54 ? 82   ALA A N   1 
ATOM   544 C CA  . ALA A 1 82 ? -8.570  -4.102  8.870   1.00 22.45 ? 82   ALA A CA  1 
ATOM   545 C C   . ALA A 1 82 ? -7.932  -4.307  10.259  1.00 22.92 ? 82   ALA A C   1 
ATOM   546 O O   . ALA A 1 82 ? -7.750  -3.334  10.992  1.00 22.56 ? 82   ALA A O   1 
ATOM   547 C CB  . ALA A 1 82 ? -10.061 -3.986  8.986   1.00 23.50 ? 82   ALA A CB  1 
ATOM   548 N N   . ARG A 1 83 ? -7.664  -5.567  10.655  1.00 18.79 ? 83   ARG A N   1 
ATOM   549 C CA  . ARG A 1 83 ? -6.958  -5.819  11.907  1.00 18.79 ? 83   ARG A CA  1 
ATOM   550 C C   . ARG A 1 83 ? -6.080  -7.060  11.757  1.00 23.25 ? 83   ARG A C   1 
ATOM   551 O O   . ARG A 1 83 ? -6.562  -8.199  12.002  1.00 24.38 ? 83   ARG A O   1 
ATOM   552 C CB  . ARG A 1 83 ? -7.949  -6.113  13.060  1.00 19.78 ? 83   ARG A CB  1 
ATOM   553 C CG  . ARG A 1 83 ? -7.341  -5.905  14.479  1.00 20.89 ? 83   ARG A CG  1 
ATOM   554 C CD  . ARG A 1 83 ? -8.312  -6.382  15.576  1.00 21.18 ? 83   ARG A CD  1 
ATOM   555 N NE  . ARG A 1 83 ? -7.972  -5.852  16.887  1.00 22.67 ? 83   ARG A NE  1 
ATOM   556 C CZ  . ARG A 1 83 ? -8.856  -5.704  17.863  1.00 23.58 ? 83   ARG A CZ  1 
ATOM   557 N NH1 . ARG A 1 83 ? -10.114 -6.121  17.708  1.00 22.04 ? 83   ARG A NH1 1 
ATOM   558 N NH2 . ARG A 1 83 ? -8.475  -5.173  19.016  1.00 28.92 ? 83   ARG A NH2 1 
ATOM   559 N N   . VAL A 1 84 ? -4.800  -6.881  11.432  1.00 23.48 ? 84   VAL A N   1 
ATOM   560 C CA  . VAL A 1 84 ? -3.947  -8.084  11.329  1.00 25.77 ? 84   VAL A CA  1 
ATOM   561 C C   . VAL A 1 84 ? -3.715  -8.728  12.672  1.00 24.81 ? 84   VAL A C   1 
ATOM   562 O O   . VAL A 1 84 ? -3.704  -8.053  13.700  1.00 25.39 ? 84   VAL A O   1 
ATOM   563 C CB  . VAL A 1 84 ? -2.539  -7.807  10.701  1.00 27.38 ? 84   VAL A CB  1 
ATOM   564 C CG1 . VAL A 1 84 ? -2.678  -7.500  9.251   1.00 30.79 ? 84   VAL A CG1 1 
ATOM   565 C CG2 . VAL A 1 84 ? -1.790  -6.685  11.485  1.00 28.88 ? 84   VAL A CG2 1 
ATOM   566 N N   . HIS A 1 85 ? -3.462  -10.037 12.662  1.00 24.48 ? 85   HIS A N   1 
ATOM   567 C CA  . HIS A 1 85 ? -3.146  -10.709 13.896  1.00 22.98 ? 85   HIS A CA  1 
ATOM   568 C C   . HIS A 1 85 ? -1.859  -10.079 14.446  1.00 23.87 ? 85   HIS A C   1 
ATOM   569 O O   . HIS A 1 85 ? -0.991  -9.659  13.662  1.00 25.88 ? 85   HIS A O   1 
ATOM   570 C CB  . HIS A 1 85 ? -2.964  -12.210 13.658  1.00 25.94 ? 85   HIS A CB  1 
ATOM   571 C CG  . HIS A 1 85 ? -2.920  -12.984 14.923  1.00 24.64 ? 85   HIS A CG  1 
ATOM   572 N ND1 . HIS A 1 85 ? -1.764  -13.146 15.645  1.00 26.71 ? 85   HIS A ND1 1 
ATOM   573 C CD2 . HIS A 1 85 ? -3.907  -13.566 15.648  1.00 26.34 ? 85   HIS A CD2 1 
ATOM   574 C CE1 . HIS A 1 85 ? -2.029  -13.828 16.745  1.00 28.32 ? 85   HIS A CE1 1 
ATOM   575 N NE2 . HIS A 1 85 ? -3.323  -14.089 16.773  1.00 25.49 ? 85   HIS A NE2 1 
ATOM   576 N N   . SER A 1 86 ? -1.718  -10.027 15.773  1.00 23.51 ? 86   SER A N   1 
ATOM   577 C CA  . SER A 1 86 ? -0.480  -9.488  16.366  1.00 24.58 ? 86   SER A CA  1 
ATOM   578 C C   . SER A 1 86 ? 0.785   -10.186 15.824  1.00 25.45 ? 86   SER A C   1 
ATOM   579 O O   . SER A 1 86 ? 1.815   -9.537  15.693  1.00 27.41 ? 86   SER A O   1 
ATOM   580 C CB  . SER A 1 86 ? -0.481  -9.549  17.889  1.00 28.79 ? 86   SER A CB  1 
ATOM   581 O OG  . SER A 1 86 ? -0.544  -10.888 18.349  1.00 32.72 ? 86   SER A OG  1 
ATOM   582 N N   . GLU A 1 87 ? 0.703   -11.481 15.494  1.00 23.08 ? 87   GLU A N   1 
ATOM   583 C CA  . GLU A 1 87 ? 1.861   -12.192 14.865  1.00 23.40 ? 87   GLU A CA  1 
ATOM   584 C C   . GLU A 1 87 ? 2.318   -11.539 13.573  1.00 23.28 ? 87   GLU A C   1 
ATOM   585 O O   . GLU A 1 87 ? 3.511   -11.528 13.257  1.00 25.14 ? 87   GLU A O   1 
ATOM   586 C CB  . GLU A 1 87 ? 1.516   -13.642 14.557  1.00 23.97 ? 87   GLU A CB  1 
ATOM   587 C CG  . GLU A 1 87 ? 1.414   -14.490 15.813  1.00 27.99 ? 87   GLU A CG  1 
ATOM   588 C CD  . GLU A 1 87 ? 2.778   -14.718 16.451  1.00 31.22 ? 87   GLU A CD  1 
ATOM   589 O OE1 . GLU A 1 87 ? 3.677   -15.211 15.746  1.00 28.46 ? 87   GLU A OE1 1 
ATOM   590 O OE2 . GLU A 1 87 ? 2.956   -14.417 17.661  1.00 37.24 ? 87   GLU A OE2 1 
ATOM   591 N N   . VAL A 1 88 ? 1.360   -11.008 12.812  1.00 22.69 ? 88   VAL A N   1 
ATOM   592 C CA  . VAL A 1 88 ? 1.681   -10.435 11.500  1.00 23.35 ? 88   VAL A CA  1 
ATOM   593 C C   . VAL A 1 88 ? 2.439   -9.107  11.654  1.00 23.68 ? 88   VAL A C   1 
ATOM   594 O O   . VAL A 1 88 ? 3.239   -8.754  10.795  1.00 24.57 ? 88   VAL A O   1 
ATOM   595 C CB  . VAL A 1 88 ? 0.411   -10.319 10.601  1.00 25.33 ? 88   VAL A CB  1 
ATOM   596 C CG1 . VAL A 1 88 ? 0.697   -9.588  9.276   1.00 24.98 ? 88   VAL A CG1 1 
ATOM   597 C CG2 . VAL A 1 88 ? -0.191  -11.693 10.389  1.00 26.76 ? 88   VAL A CG2 1 
ATOM   598 N N   . GLU A 1 89 ? 2.221   -8.396  12.766  1.00 26.78 ? 89   GLU A N   1 
ATOM   599 C CA  . GLU A 1 89 ? 2.974   -7.155  13.015  1.00 26.94 ? 89   GLU A CA  1 
ATOM   600 C C   . GLU A 1 89 ? 4.496   -7.384  12.888  1.00 26.61 ? 89   GLU A C   1 
ATOM   601 O O   . GLU A 1 89 ? 5.217   -6.499  12.443  1.00 28.41 ? 89   GLU A O   1 
ATOM   602 C CB  . GLU A 1 89 ? 2.618   -6.517  14.355  1.00 29.80 ? 89   GLU A CB  1 
ATOM   603 C CG  . GLU A 1 89 ? 1.144   -6.148  14.501  1.00 29.47 ? 89   GLU A CG  1 
ATOM   604 C CD  . GLU A 1 89 ? 0.767   -4.866  13.768  1.00 33.93 ? 89   GLU A CD  1 
ATOM   605 O OE1 . GLU A 1 89 ? 1.639   -4.251  13.116  1.00 33.37 ? 89   GLU A OE1 1 
ATOM   606 O OE2 . GLU A 1 89 ? -0.422  -4.480  13.837  1.00 34.14 ? 89   GLU A OE2 1 
ATOM   607 N N   . ASN A 1 90 ? 4.958   -8.576  13.258  1.00 27.40 ? 90   ASN A N   1 
ATOM   608 C CA  . ASN A 1 90 ? 6.383   -8.898  13.220  1.00 30.50 ? 90   ASN A CA  1 
ATOM   609 C C   . ASN A 1 90 ? 7.035   -8.920  11.825  1.00 32.52 ? 90   ASN A C   1 
ATOM   610 O O   . ASN A 1 90 ? 8.266   -8.874  11.723  1.00 33.80 ? 90   ASN A O   1 
ATOM   611 C CB  . ASN A 1 90 ? 6.642   -10.208 13.980  1.00 30.93 ? 90   ASN A CB  1 
ATOM   612 C CG  . ASN A 1 90 ? 6.313   -10.081 15.465  1.00 34.33 ? 90   ASN A CG  1 
ATOM   613 O OD1 . ASN A 1 90 ? 6.348   -8.983  16.024  1.00 33.48 ? 90   ASN A OD1 1 
ATOM   614 N ND2 . ASN A 1 90 ? 5.983   -11.202 16.106  1.00 33.02 ? 90   ASN A ND2 1 
ATOM   615 N N   . ILE A 1 91 ? 6.225   -9.009  10.765  1.00 27.84 ? 91   ILE A N   1 
ATOM   616 C CA  . ILE A 1 91 ? 6.755   -8.930  9.397   1.00 26.74 ? 91   ILE A CA  1 
ATOM   617 C C   . ILE A 1 91 ? 6.393   -7.597  8.676   1.00 29.11 ? 91   ILE A C   1 
ATOM   618 O O   . ILE A 1 91 ? 6.719   -7.413  7.498   1.00 32.32 ? 91   ILE A O   1 
ATOM   619 C CB  . ILE A 1 91 ? 6.356   -10.124 8.524   1.00 26.67 ? 91   ILE A CB  1 
ATOM   620 C CG1 . ILE A 1 91 ? 4.850   -10.164 8.293   1.00 26.45 ? 91   ILE A CG1 1 
ATOM   621 C CG2 . ILE A 1 91 ? 6.941   -11.449 9.121   1.00 26.91 ? 91   ILE A CG2 1 
ATOM   622 C CD1 . ILE A 1 91 ? 4.412   -11.077 7.146   1.00 27.60 ? 91   ILE A CD1 1 
ATOM   623 N N   . LEU A 1 92 ? 5.708   -6.691  9.378   1.00 25.49 ? 92   LEU A N   1 
ATOM   624 C CA  . LEU A 1 92 ? 5.296   -5.406  8.752   1.00 25.83 ? 92   LEU A CA  1 
ATOM   625 C C   . LEU A 1 92 ? 6.314   -4.329  9.099   1.00 28.44 ? 92   LEU A C   1 
ATOM   626 O O   . LEU A 1 92 ? 6.686   -4.210  10.268  1.00 29.36 ? 92   LEU A O   1 
ATOM   627 C CB  . LEU A 1 92 ? 3.871   -5.017  9.204   1.00 25.81 ? 92   LEU A CB  1 
ATOM   628 C CG  . LEU A 1 92 ? 2.701   -5.897  8.708   1.00 27.65 ? 92   LEU A CG  1 
ATOM   629 C CD1 . LEU A 1 92 ? 1.319   -5.418  9.259   1.00 26.09 ? 92   LEU A CD1 1 
ATOM   630 C CD2 . LEU A 1 92 ? 2.656   -6.051  7.187   1.00 28.34 ? 92   LEU A CD2 1 
ATOM   631 N N   . PRO A 1 93 ? 6.783   -3.546  8.098   1.00 29.73 ? 93   PRO A N   1 
ATOM   632 C CA  . PRO A 1 93 ? 7.691   -2.463  8.478   1.00 32.82 ? 93   PRO A CA  1 
ATOM   633 C C   . PRO A 1 93 ? 6.968   -1.386  9.270   1.00 31.37 ? 93   PRO A C   1 
ATOM   634 O O   . PRO A 1 93 ? 5.773   -1.142  9.062   1.00 32.51 ? 93   PRO A O   1 
ATOM   635 C CB  . PRO A 1 93 ? 8.168   -1.901  7.137   1.00 34.67 ? 93   PRO A CB  1 
ATOM   636 C CG  . PRO A 1 93 ? 7.090   -2.272  6.152   1.00 33.95 ? 93   PRO A CG  1 
ATOM   637 C CD  . PRO A 1 93 ? 6.504   -3.580  6.648   1.00 32.35 ? 93   PRO A CD  1 
ATOM   638 N N   . LYS A 1 94 ? 7.688   -0.777  10.200  1.00 32.55 ? 94   LYS A N   1 
ATOM   639 C CA  . LYS A 1 94 ? 7.142   0.281   11.024  1.00 38.70 ? 94   LYS A CA  1 
ATOM   640 C C   . LYS A 1 94 ? 7.409   1.647   10.382  1.00 41.39 ? 94   LYS A C   1 
ATOM   641 O O   . LYS A 1 94 ? 6.617   2.563   10.530  1.00 41.34 ? 94   LYS A O   1 
ATOM   642 C CB  . LYS A 1 94 ? 7.800   0.251   12.401  1.00 44.70 ? 94   LYS A CB  1 
ATOM   643 C CG  . LYS A 1 94 ? 7.627   -1.059  13.153  1.00 50.13 ? 94   LYS A CG  1 
ATOM   644 C CD  . LYS A 1 94 ? 8.624   -1.190  14.299  1.00 54.29 ? 94   LYS A CD  1 
ATOM   645 C CE  . LYS A 1 94 ? 9.909   -1.876  13.843  1.00 55.04 ? 94   LYS A CE  1 
ATOM   646 N NZ  . LYS A 1 94 ? 10.893  -0.943  13.216  1.00 59.74 ? 94   LYS A NZ  1 
ATOM   647 N N   . ALA A 1 95 ? 8.537   1.764   9.675   1.00 39.93 ? 95   ALA A N   1 
ATOM   648 C CA  . ALA A 1 95 ? 8.977   3.039   9.097   1.00 41.78 ? 95   ALA A CA  1 
ATOM   649 C C   . ALA A 1 95 ? 9.589   2.754   7.740   1.00 40.54 ? 95   ALA A C   1 
ATOM   650 O O   . ALA A 1 95 ? 10.218  1.715   7.562   1.00 35.35 ? 95   ALA A O   1 
ATOM   651 C CB  . ALA A 1 95 ? 10.018  3.705   10.019  1.00 43.20 ? 95   ALA A CB  1 
ATOM   652 N N   . PRO A 1 96 ? 9.412   3.660   6.764   1.00 43.07 ? 96   PRO A N   1 
ATOM   653 C CA  . PRO A 1 96 ? 10.001  3.294   5.484   1.00 44.83 ? 96   PRO A CA  1 
ATOM   654 C C   . PRO A 1 96 ? 11.480  3.681   5.460   1.00 44.73 ? 96   PRO A C   1 
ATOM   655 O O   . PRO A 1 96 ? 11.929  4.472   6.299   1.00 43.33 ? 96   PRO A O   1 
ATOM   656 C CB  . PRO A 1 96 ? 9.208   4.142   4.471   1.00 48.05 ? 96   PRO A CB  1 
ATOM   657 C CG  . PRO A 1 96 ? 8.309   5.047   5.275   1.00 45.84 ? 96   PRO A CG  1 
ATOM   658 C CD  . PRO A 1 96 ? 8.751   4.976   6.709   1.00 45.84 ? 96   PRO A CD  1 
ATOM   659 N N   . GLN A 1 97 ? 12.231  3.109   4.530   1.00 48.25 ? 97   GLN A N   1 
ATOM   660 C CA  . GLN A 1 97 ? 13.562  3.646   4.220   1.00 51.20 ? 97   GLN A CA  1 
ATOM   661 C C   . GLN A 1 97 ? 13.732  3.927   2.723   1.00 48.86 ? 97   GLN A C   1 
ATOM   662 O O   . GLN A 1 97 ? 13.244  3.170   1.867   1.00 45.33 ? 97   GLN A O   1 
ATOM   663 C CB  . GLN A 1 97 ? 14.695  2.791   4.816   1.00 54.01 ? 97   GLN A CB  1 
ATOM   664 C CG  . GLN A 1 97 ? 14.846  1.383   4.275   1.00 55.22 ? 97   GLN A CG  1 
ATOM   665 C CD  . GLN A 1 97 ? 15.958  0.604   4.988   1.00 56.26 ? 97   GLN A CD  1 
ATOM   666 O OE1 . GLN A 1 97 ? 17.122  1.033   5.022   1.00 56.95 ? 97   GLN A OE1 1 
ATOM   667 N NE2 . GLN A 1 97 ? 15.599  -0.552  5.558   1.00 53.94 ? 97   GLN A NE2 1 
ATOM   668 N N   . ALA A 1 98 ? 14.394  5.041   2.418   1.00 46.49 ? 98   ALA A N   1 
HETATM 669 C C   . TRS B 2 .  ? 16.796  -10.352 -7.673  0.17 30.91 ? 100  TRS A C   1 
HETATM 670 C C1  . TRS B 2 .  ? 15.322  -10.706 -7.467  0.17 32.04 ? 100  TRS A C1  1 
HETATM 671 C C2  . TRS B 2 .  ? 16.997  -9.139  -8.587  0.17 28.62 ? 100  TRS A C2  1 
HETATM 672 C C3  . TRS B 2 .  ? 17.630  -11.555 -8.130  0.17 31.32 ? 100  TRS A C3  1 
HETATM 673 N N   . TRS B 2 .  ? 17.269  -9.951  -6.343  0.17 33.21 ? 100  TRS A N   1 
HETATM 674 O O1  . TRS B 2 .  ? 14.698  -11.159 -8.649  0.17 32.27 ? 100  TRS A O1  1 
HETATM 675 O O2  . TRS B 2 .  ? 16.465  -9.305  -9.891  0.17 18.69 ? 100  TRS A O2  1 
HETATM 676 O O3  . TRS B 2 .  ? 17.099  -12.179 -9.288  0.17 32.57 ? 100  TRS A O3  1 
HETATM 677 C C1  . EDO C 3 .  ? 21.734  -10.165 -8.077  0.50 32.32 ? 2195 EDO A C1  1 
HETATM 678 O O1  . EDO C 3 .  ? 20.921  -11.335 -7.897  0.50 35.75 ? 2195 EDO A O1  1 
HETATM 679 C C2  . EDO C 3 .  ? 20.950  -9.114  -8.847  0.50 34.34 ? 2195 EDO A C2  1 
HETATM 680 O O2  . EDO C 3 .  ? 21.352  -7.804  -8.439  0.50 37.32 ? 2195 EDO A O2  1 
HETATM 681 O O   . HOH D 4 .  ? -8.483  13.646  0.384   1.00 29.21 ? 2196 HOH A O   1 
HETATM 682 O O   . HOH D 4 .  ? -6.532  7.129   9.881   1.00 28.76 ? 2197 HOH A O   1 
HETATM 683 O O   . HOH D 4 .  ? -4.491  -4.442  10.054  1.00 33.57 ? 2198 HOH A O   1 
HETATM 684 O O   . HOH D 4 .  ? -5.449  -8.438  16.284  1.00 37.51 ? 2199 HOH A O   1 
HETATM 685 O O   . HOH D 4 .  ? -7.217  -8.345  -2.537  1.00 38.18 ? 2200 HOH A O   1 
HETATM 686 O O   . HOH D 4 .  ? -6.892  -9.686  14.573  1.00 39.27 ? 2201 HOH A O   1 
HETATM 687 O O   . HOH D 4 .  ? 10.964  -1.654  10.566  1.00 51.75 ? 2202 HOH A O   1 
HETATM 688 O O   . HOH D 4 .  ? -11.523 6.093   9.292   1.00 47.19 ? 2203 HOH A O   1 
HETATM 689 O O   . HOH D 4 .  ? -8.212  11.315  9.927   1.00 37.20 ? 2204 HOH A O   1 
HETATM 690 O O   . HOH D 4 .  ? 4.168   -3.420  12.588  1.00 38.16 ? 2205 HOH A O   1 
HETATM 691 O O   . HOH D 4 .  ? 3.546   5.295   -17.563 1.00 38.22 ? 2206 HOH A O   1 
HETATM 692 O O   . HOH D 4 .  ? 3.481   -1.242  10.489  1.00 35.18 ? 2207 HOH A O   1 
HETATM 693 O O   . HOH D 4 .  ? 12.903  -3.605  -0.147  1.00 33.05 ? 2208 HOH A O   1 
HETATM 694 O O   . HOH D 4 .  ? -2.696  -2.465  -14.410 1.00 35.18 ? 2209 HOH A O   1 
HETATM 695 O O   . HOH D 4 .  ? -2.490  7.653   -12.520 1.00 43.54 ? 2210 HOH A O   1 
HETATM 696 O O   . HOH D 4 .  ? -2.716  15.077  -6.817  1.00 46.61 ? 2211 HOH A O   1 
HETATM 697 O O   . HOH D 4 .  ? -2.306  -5.913  15.041  1.00 44.68 ? 2212 HOH A O   1 
HETATM 698 O O   . HOH D 4 .  ? -10.677 2.086   12.718  1.00 36.10 ? 2213 HOH A O   1 
HETATM 699 O O   . HOH D 4 .  ? 10.526  1.171   3.030   1.00 40.28 ? 2214 HOH A O   1 
HETATM 700 O O   . HOH D 4 .  ? -10.125 -6.977  6.809   1.00 39.08 ? 2215 HOH A O   1 
HETATM 701 O O   . HOH D 4 .  ? 6.846   -7.894  4.635   1.00 33.88 ? 2216 HOH A O   1 
HETATM 702 O O   . HOH D 4 .  ? -4.186  -10.489 17.653  1.00 36.68 ? 2217 HOH A O   1 
HETATM 703 O O   . HOH D 4 .  ? -5.819  10.357  -4.028  1.00 35.73 ? 2218 HOH A O   1 
HETATM 704 O O   . HOH D 4 .  ? -7.930  3.586   -13.155 1.00 47.08 ? 2219 HOH A O   1 
HETATM 705 O O   . HOH D 4 .  ? 8.973   -5.653  6.621   1.00 46.69 ? 2220 HOH A O   1 
HETATM 706 O O   . HOH D 4 .  ? -7.046  7.672   -7.672  1.00 33.43 ? 2221 HOH A O   1 
HETATM 707 O O   . HOH D 4 .  ? -13.845 4.819   3.386   1.00 40.57 ? 2222 HOH A O   1 
HETATM 708 O O   . HOH D 4 .  ? 10.929  -0.118  5.909   1.00 49.64 ? 2223 HOH A O   1 
HETATM 709 O O   . HOH D 4 .  ? -9.335  -1.503  12.131  1.00 29.99 ? 2224 HOH A O   1 
HETATM 710 O O   . HOH D 4 .  ? 11.223  -12.916 -4.566  1.00 21.96 ? 2225 HOH A O   1 
HETATM 711 O O   . HOH D 4 .  ? 0.753   -10.588 -5.839  1.00 25.97 ? 2226 HOH A O   1 
HETATM 712 O O   . HOH D 4 .  ? -9.147  -6.104  0.220   1.00 41.82 ? 2227 HOH A O   1 
HETATM 713 O O   . HOH D 4 .  ? -8.813  -8.885  4.798   1.00 38.53 ? 2228 HOH A O   1 
HETATM 714 O O   . HOH D 4 .  ? 5.845   -13.923 15.011  1.00 47.10 ? 2229 HOH A O   1 
HETATM 715 O O   . HOH D 4 .  ? 1.943   -9.915  -12.813 1.00 45.25 ? 2230 HOH A O   1 
HETATM 716 O O   . HOH D 4 .  ? -11.045 6.433   -2.346  1.00 41.65 ? 2231 HOH A O   1 
HETATM 717 O O   . HOH D 4 .  ? -2.864  -9.842  -10.356 1.00 38.01 ? 2232 HOH A O   1 
HETATM 718 O O   . HOH D 4 .  ? 10.722  -11.297 -13.314 1.00 37.35 ? 2233 HOH A O   1 
HETATM 719 O O   . HOH D 4 .  ? -15.250 2.332   5.631   1.00 55.51 ? 2234 HOH A O   1 
HETATM 720 O O   . HOH D 4 .  ? 2.433   3.930   16.156  1.00 57.34 ? 2235 HOH A O   1 
HETATM 721 O O   . HOH D 4 .  ? -10.483 9.931   -0.773  1.00 40.21 ? 2236 HOH A O   1 
HETATM 722 O O   . HOH D 4 .  ? 14.192  -6.639  -0.464  1.00 47.24 ? 2237 HOH A O   1 
HETATM 723 O O   . HOH D 4 .  ? -10.297 1.319   -6.695  1.00 51.53 ? 2238 HOH A O   1 
HETATM 724 O O   . HOH D 4 .  ? -9.027  10.782  -3.599  1.00 61.09 ? 2239 HOH A O   1 
HETATM 725 O O   . HOH D 4 .  ? 6.523   -8.863  -12.175 1.00 50.85 ? 2240 HOH A O   1 
HETATM 726 O O   . HOH D 4 .  ? 11.742  -6.325  0.517   1.00 70.72 ? 2241 HOH A O   1 
HETATM 727 O O   . HOH D 4 .  ? 2.004   -12.040 18.894  1.00 47.44 ? 2242 HOH A O   1 
HETATM 728 O O   . HOH D 4 .  ? 7.602   -4.308  13.639  1.00 63.11 ? 2243 HOH A O   1 
HETATM 729 O O   . HOH D 4 .  ? 6.939   -11.301 -11.717 1.00 52.40 ? 2244 HOH A O   1 
HETATM 730 O O   . HOH D 4 .  ? -1.353  -6.270  17.450  1.00 50.57 ? 2245 HOH A O   1 
HETATM 731 O O   . HOH D 4 .  ? -3.032  -6.231  -13.499 1.00 53.12 ? 2246 HOH A O   1 
HETATM 732 O O   . HOH D 4 .  ? 12.977  -12.964 -13.251 0.16 42.64 ? 2247 HOH A O   1 
# 
loop_
_pdbx_poly_seq_scheme.asym_id 
_pdbx_poly_seq_scheme.entity_id 
_pdbx_poly_seq_scheme.seq_id 
_pdbx_poly_seq_scheme.mon_id 
_pdbx_poly_seq_scheme.ndb_seq_num 
_pdbx_poly_seq_scheme.pdb_seq_num 
_pdbx_poly_seq_scheme.auth_seq_num 
_pdbx_poly_seq_scheme.pdb_mon_id 
_pdbx_poly_seq_scheme.auth_mon_id 
_pdbx_poly_seq_scheme.pdb_strand_id 
_pdbx_poly_seq_scheme.pdb_ins_code 
_pdbx_poly_seq_scheme.hetero 
A 1 1  MET 1  1  ?  ?   ?   A . n 
A 1 2  ALA 2  2  ?  ?   ?   A . n 
A 1 3  ASP 3  3  ?  ?   ?   A . n 
A 1 4  VAL 4  4  ?  ?   ?   A . n 
A 1 5  THR 5  5  ?  ?   ?   A . n 
A 1 6  GLY 6  6  6  GLY GLY A . n 
A 1 7  ILE 7  7  7  ILE ILE A . n 
A 1 8  ALA 8  8  8  ALA ALA A . n 
A 1 9  LEU 9  9  9  LEU LEU A . n 
A 1 10 GLY 10 10 10 GLY GLY A . n 
A 1 11 MET 11 11 11 MET MET A . n 
A 1 12 ILE 12 12 12 ILE ILE A . n 
A 1 13 GLU 13 13 13 GLU GLU A . n 
A 1 14 THR 14 14 14 THR THR A . n 
A 1 15 ARG 15 15 15 ARG ARG A . n 
A 1 16 GLY 16 16 16 GLY GLY A . n 
A 1 17 LEU 17 17 17 LEU LEU A . n 
A 1 18 VAL 18 18 18 VAL VAL A . n 
A 1 19 PRO 19 19 19 PRO PRO A . n 
A 1 20 ALA 20 20 20 ALA ALA A . n 
A 1 21 ILE 21 21 21 ILE ILE A . n 
A 1 22 GLU 22 22 22 GLU GLU A . n 
A 1 23 ALA 23 23 23 ALA ALA A . n 
A 1 24 ALA 24 24 24 ALA ALA A . n 
A 1 25 ASP 25 25 25 ASP ASP A . n 
A 1 26 ALA 26 26 26 ALA ALA A . n 
A 1 27 MET 27 27 27 MET MET A . n 
A 1 28 THR 28 28 28 THR THR A . n 
A 1 29 LYS 29 29 29 LYS LYS A . n 
A 1 30 ALA 30 30 30 ALA ALA A . n 
A 1 31 ALA 31 31 31 ALA ALA A . n 
A 1 32 GLU 32 32 32 GLU GLU A . n 
A 1 33 VAL 33 33 33 VAL VAL A . n 
A 1 34 ARG 34 34 34 ARG ARG A . n 
A 1 35 LEU 35 35 35 LEU LEU A . n 
A 1 36 VAL 36 36 36 VAL VAL A . n 
A 1 37 GLY 37 37 37 GLY GLY A . n 
A 1 38 ARG 38 38 38 ARG ARG A . n 
A 1 39 GLN 39 39 39 GLN GLN A . n 
A 1 40 PHE 40 40 40 PHE PHE A . n 
A 1 41 VAL 41 41 41 VAL VAL A . n 
A 1 42 GLY 42 42 42 GLY GLY A . n 
A 1 43 GLY 43 43 43 GLY GLY A . n 
A 1 44 GLY 44 44 44 GLY GLY A . n 
A 1 45 TYR 45 45 45 TYR TYR A . n 
A 1 46 VAL 46 46 46 VAL VAL A . n 
A 1 47 THR 47 47 47 THR THR A . n 
A 1 48 VAL 48 48 48 VAL VAL A . n 
A 1 49 LEU 49 49 49 LEU LEU A . n 
A 1 50 VAL 50 50 50 VAL VAL A . n 
A 1 51 ARG 51 51 51 ARG ARG A . n 
A 1 52 GLY 52 52 52 GLY GLY A . n 
A 1 53 GLU 53 53 53 GLU GLU A . n 
A 1 54 THR 54 54 54 THR THR A . n 
A 1 55 GLY 55 55 55 GLY GLY A . n 
A 1 56 ALA 56 56 56 ALA ALA A . n 
A 1 57 VAL 57 57 57 VAL VAL A . n 
A 1 58 ASN 58 58 58 ASN ASN A . n 
A 1 59 ALA 59 59 59 ALA ALA A . n 
A 1 60 ALA 60 60 60 ALA ALA A . n 
A 1 61 VAL 61 61 61 VAL VAL A . n 
A 1 62 ARG 62 62 62 ARG ARG A . n 
A 1 63 ALA 63 63 63 ALA ALA A . n 
A 1 64 GLY 64 64 64 GLY GLY A . n 
A 1 65 ALA 65 65 65 ALA ALA A . n 
A 1 66 ASP 66 66 66 ASP ASP A . n 
A 1 67 ALA 67 67 67 ALA ALA A . n 
A 1 68 CYS 68 68 68 CYS CYS A . n 
A 1 69 GLU 69 69 69 GLU GLU A . n 
A 1 70 ARG 70 70 70 ARG ARG A . n 
A 1 71 VAL 71 71 71 VAL VAL A . n 
A 1 72 GLY 72 72 72 GLY GLY A . n 
A 1 73 ASP 73 73 73 ASP ASP A . n 
A 1 74 GLY 74 74 74 GLY GLY A . n 
A 1 75 LEU 75 75 75 LEU LEU A . n 
A 1 76 VAL 76 76 76 VAL VAL A . n 
A 1 77 ALA 77 77 77 ALA ALA A . n 
A 1 78 ALA 78 78 78 ALA ALA A . n 
A 1 79 HIS 79 79 79 HIS HIS A . n 
A 1 80 ILE 80 80 80 ILE ILE A . n 
A 1 81 ILE 81 81 81 ILE ILE A . n 
A 1 82 ALA 82 82 82 ALA ALA A . n 
A 1 83 ARG 83 83 83 ARG ARG A . n 
A 1 84 VAL 84 84 84 VAL VAL A . n 
A 1 85 HIS 85 85 85 HIS HIS A . n 
A 1 86 SER 86 86 86 SER SER A . n 
A 1 87 GLU 87 87 87 GLU GLU A . n 
A 1 88 VAL 88 88 88 VAL VAL A . n 
A 1 89 GLU 89 89 89 GLU GLU A . n 
A 1 90 ASN 90 90 90 ASN ASN A . n 
A 1 91 ILE 91 91 91 ILE ILE A . n 
A 1 92 LEU 92 92 92 LEU LEU A . n 
A 1 93 PRO 93 93 93 PRO PRO A . n 
A 1 94 LYS 94 94 94 LYS LYS A . n 
A 1 95 ALA 95 95 95 ALA ALA A . n 
A 1 96 PRO 96 96 96 PRO PRO A . n 
A 1 97 GLN 97 97 97 GLN GLN A . n 
A 1 98 ALA 98 98 98 ALA ALA A . n 
# 
loop_
_pdbx_nonpoly_scheme.asym_id 
_pdbx_nonpoly_scheme.entity_id 
_pdbx_nonpoly_scheme.mon_id 
_pdbx_nonpoly_scheme.ndb_seq_num 
_pdbx_nonpoly_scheme.pdb_seq_num 
_pdbx_nonpoly_scheme.auth_seq_num 
_pdbx_nonpoly_scheme.pdb_mon_id 
_pdbx_nonpoly_scheme.auth_mon_id 
_pdbx_nonpoly_scheme.pdb_strand_id 
_pdbx_nonpoly_scheme.pdb_ins_code 
B 2 TRS 1  100  100  TRS TRS A . 
C 3 EDO 1  2195 2195 EDO EDO A . 
D 4 HOH 1  2196 101  HOH HOH A . 
D 4 HOH 2  2197 102  HOH HOH A . 
D 4 HOH 3  2198 103  HOH HOH A . 
D 4 HOH 4  2199 104  HOH HOH A . 
D 4 HOH 5  2200 105  HOH HOH A . 
D 4 HOH 6  2201 106  HOH HOH A . 
D 4 HOH 7  2202 107  HOH HOH A . 
D 4 HOH 8  2203 108  HOH HOH A . 
D 4 HOH 9  2204 109  HOH HOH A . 
D 4 HOH 10 2205 111  HOH HOH A . 
D 4 HOH 11 2206 113  HOH HOH A . 
D 4 HOH 12 2207 114  HOH HOH A . 
D 4 HOH 13 2208 115  HOH HOH A . 
D 4 HOH 14 2209 116  HOH HOH A . 
D 4 HOH 15 2210 118  HOH HOH A . 
D 4 HOH 16 2211 120  HOH HOH A . 
D 4 HOH 17 2212 121  HOH HOH A . 
D 4 HOH 18 2213 122  HOH HOH A . 
D 4 HOH 19 2214 123  HOH HOH A . 
D 4 HOH 20 2215 126  HOH HOH A . 
D 4 HOH 21 2216 127  HOH HOH A . 
D 4 HOH 22 2217 128  HOH HOH A . 
D 4 HOH 23 2218 129  HOH HOH A . 
D 4 HOH 24 2219 132  HOH HOH A . 
D 4 HOH 25 2220 133  HOH HOH A . 
D 4 HOH 26 2221 134  HOH HOH A . 
D 4 HOH 27 2222 135  HOH HOH A . 
D 4 HOH 28 2223 136  HOH HOH A . 
D 4 HOH 29 2224 137  HOH HOH A . 
D 4 HOH 30 2225 138  HOH HOH A . 
D 4 HOH 31 2226 139  HOH HOH A . 
D 4 HOH 32 2227 140  HOH HOH A . 
D 4 HOH 33 2228 142  HOH HOH A . 
D 4 HOH 34 2229 143  HOH HOH A . 
D 4 HOH 35 2230 144  HOH HOH A . 
D 4 HOH 36 2231 145  HOH HOH A . 
D 4 HOH 37 2232 146  HOH HOH A . 
D 4 HOH 38 2233 1    HOH HOH A . 
D 4 HOH 39 2234 2    HOH HOH A . 
D 4 HOH 40 2235 3    HOH HOH A . 
D 4 HOH 41 2236 4    HOH HOH A . 
D 4 HOH 42 2237 5    HOH HOH A . 
D 4 HOH 43 2238 6    HOH HOH A . 
D 4 HOH 44 2239 7    HOH HOH A . 
D 4 HOH 45 2240 8    HOH HOH A . 
D 4 HOH 46 2241 9    HOH HOH A . 
D 4 HOH 47 2242 10   HOH HOH A . 
D 4 HOH 48 2243 11   HOH HOH A . 
D 4 HOH 49 2244 12   HOH HOH A . 
D 4 HOH 50 2245 13   HOH HOH A . 
D 4 HOH 51 2246 14   HOH HOH A . 
D 4 HOH 52 2247 15   HOH HOH A . 
# 
_pdbx_struct_assembly.id                   1 
_pdbx_struct_assembly.details              author_and_software_defined_assembly 
_pdbx_struct_assembly.method_details       PISA,PQS 
_pdbx_struct_assembly.oligomeric_details   hexameric 
_pdbx_struct_assembly.oligomeric_count     6 
# 
_pdbx_struct_assembly_gen.assembly_id       1 
_pdbx_struct_assembly_gen.oper_expression   1,2,3,4,5,6 
_pdbx_struct_assembly_gen.asym_id_list      A,B,C,D 
# 
loop_
_pdbx_struct_assembly_prop.biol_id 
_pdbx_struct_assembly_prop.type 
_pdbx_struct_assembly_prop.value 
_pdbx_struct_assembly_prop.details 
1 'ABSA (A^2)' 12860 ? 
1 MORE         -53   ? 
1 'SSA (A^2)'  20490 ? 
# 
loop_
_pdbx_struct_oper_list.id 
_pdbx_struct_oper_list.type 
_pdbx_struct_oper_list.name 
_pdbx_struct_oper_list.symmetry_operation 
_pdbx_struct_oper_list.matrix[1][1] 
_pdbx_struct_oper_list.matrix[1][2] 
_pdbx_struct_oper_list.matrix[1][3] 
_pdbx_struct_oper_list.vector[1] 
_pdbx_struct_oper_list.matrix[2][1] 
_pdbx_struct_oper_list.matrix[2][2] 
_pdbx_struct_oper_list.matrix[2][3] 
_pdbx_struct_oper_list.vector[2] 
_pdbx_struct_oper_list.matrix[3][1] 
_pdbx_struct_oper_list.matrix[3][2] 
_pdbx_struct_oper_list.matrix[3][3] 
_pdbx_struct_oper_list.vector[3] 
1 'identity operation'         1_555 x,y,z     1.0000000000  0.0000000000  0.0000000000  0.0000000000  0.0000000000  1.0000000000  0.0000000000  0.0000000000   0.0000000000  0.0000000000  1.0000000000 0.0000000000   
2 'crystal symmetry operation' 2_555 -y,x-y,z  -0.0369879497 -0.3970185624 0.9170649664  20.4695463825 0.9316372093  -0.3456751302 -0.1120750402 -31.0243725434 0.3615024230  0.8502264201  0.3826630798 -1.8529216598  
3 'crystal symmetry operation' 3_555 -x+y,-x,z -0.0369879497 0.9316372093  0.3615024230  30.3304220778 -0.3970185624 -0.3456751302 0.8502264201  -1.0221611889  0.9170649664  -0.1120750402 0.3826630798 -21.5399169586 
4 'crystal symmetry operation' 4_555 -x,-y,z   -0.3826505996 0.3564124313  0.8523782596  33.8666456402 0.3564124313  -0.7942335069 0.4921009199  -21.3643558215 0.8523782596  0.4921009199  0.1768841065 -15.5952257456 
5 'crystal symmetry operation' 5_555 y,-x+y,z  0.6543373501  0.7534309937  -0.0646867068 13.3970992577 -0.5752247781 0.5514416233  0.6041759602  9.6600167219   0.4908758366  -0.3581255002 0.7942210266 -13.7423040858 
6 'crystal symmetry operation' 6_555 x-y,x,z   0.6543373501  -0.5752247781 0.4908758366  3.5362235624  0.7534309937  0.5514416233  -0.3581255002 -20.3421946326 -0.0646867068 0.6041759602  0.7942210266 5.9446912130 
# 
loop_
_pdbx_struct_special_symmetry.id 
_pdbx_struct_special_symmetry.PDB_model_num 
_pdbx_struct_special_symmetry.auth_asym_id 
_pdbx_struct_special_symmetry.auth_comp_id 
_pdbx_struct_special_symmetry.auth_seq_id 
_pdbx_struct_special_symmetry.PDB_ins_code 
_pdbx_struct_special_symmetry.label_asym_id 
_pdbx_struct_special_symmetry.label_comp_id 
_pdbx_struct_special_symmetry.label_seq_id 
1 1 A TRS 100  ? B TRS . 
2 1 A HOH 2247 ? D HOH . 
# 
loop_
_pdbx_audit_revision_history.ordinal 
_pdbx_audit_revision_history.data_content_type 
_pdbx_audit_revision_history.major_revision 
_pdbx_audit_revision_history.minor_revision 
_pdbx_audit_revision_history.revision_date 
1 'Structure model' 1 0 2006-11-14 
2 'Structure model' 1 1 2008-05-01 
3 'Structure model' 1 2 2011-07-13 
4 'Structure model' 1 3 2017-10-18 
5 'Structure model' 1 4 2023-08-23 
# 
_pdbx_audit_revision_details.ordinal             1 
_pdbx_audit_revision_details.revision_ordinal    1 
_pdbx_audit_revision_details.data_content_type   'Structure model' 
_pdbx_audit_revision_details.provider            repository 
_pdbx_audit_revision_details.type                'Initial release' 
_pdbx_audit_revision_details.description         ? 
_pdbx_audit_revision_details.details             ? 
# 
loop_
_pdbx_audit_revision_group.ordinal 
_pdbx_audit_revision_group.revision_ordinal 
_pdbx_audit_revision_group.data_content_type 
_pdbx_audit_revision_group.group 
1 2 'Structure model' 'Version format compliance' 
2 3 'Structure model' Advisory                    
3 3 'Structure model' 'Derived calculations'      
4 3 'Structure model' 'Version format compliance' 
5 4 'Structure model' 'Refinement description'    
6 5 'Structure model' 'Data collection'           
7 5 'Structure model' 'Database references'       
8 5 'Structure model' 'Derived calculations'      
9 5 'Structure model' 'Refinement description'    
# 
loop_
_pdbx_audit_revision_category.ordinal 
_pdbx_audit_revision_category.revision_ordinal 
_pdbx_audit_revision_category.data_content_type 
_pdbx_audit_revision_category.category 
1 4 'Structure model' software                      
2 5 'Structure model' chem_comp_atom                
3 5 'Structure model' chem_comp_bond                
4 5 'Structure model' database_2                    
5 5 'Structure model' pdbx_initial_refinement_model 
6 5 'Structure model' pdbx_struct_special_symmetry  
7 5 'Structure model' struct_ref_seq_dif            
8 5 'Structure model' struct_site                   
# 
loop_
_pdbx_audit_revision_item.ordinal 
_pdbx_audit_revision_item.revision_ordinal 
_pdbx_audit_revision_item.data_content_type 
_pdbx_audit_revision_item.item 
1  4 'Structure model' '_software.classification'            
2  4 'Structure model' '_software.contact_author'            
3  4 'Structure model' '_software.contact_author_email'      
4  4 'Structure model' '_software.date'                      
5  4 'Structure model' '_software.language'                  
6  4 'Structure model' '_software.location'                  
7  4 'Structure model' '_software.name'                      
8  4 'Structure model' '_software.type'                      
9  4 'Structure model' '_software.version'                   
10 5 'Structure model' '_database_2.pdbx_DOI'                
11 5 'Structure model' '_database_2.pdbx_database_accession' 
12 5 'Structure model' '_struct_ref_seq_dif.details'         
13 5 'Structure model' '_struct_site.pdbx_auth_asym_id'      
14 5 'Structure model' '_struct_site.pdbx_auth_comp_id'      
15 5 'Structure model' '_struct_site.pdbx_auth_seq_id'       
# 
_pdbx_refine_tls.id               1 
_pdbx_refine_tls.details          ? 
_pdbx_refine_tls.method           refined 
_pdbx_refine_tls.origin_x         0.1517 
_pdbx_refine_tls.origin_y         -0.4106 
_pdbx_refine_tls.origin_z         0.4289 
_pdbx_refine_tls.T[1][1]          0.0215 
_pdbx_refine_tls.T[2][2]          -0.0053 
_pdbx_refine_tls.T[3][3]          0.0114 
_pdbx_refine_tls.T[1][2]          0.0325 
_pdbx_refine_tls.T[1][3]          0.0430 
_pdbx_refine_tls.T[2][3]          0.0338 
_pdbx_refine_tls.L[1][1]          1.4204 
_pdbx_refine_tls.L[2][2]          0.6242 
_pdbx_refine_tls.L[3][3]          0.6448 
_pdbx_refine_tls.L[1][2]          -0.2965 
_pdbx_refine_tls.L[1][3]          -0.7375 
_pdbx_refine_tls.L[2][3]          0.3490 
_pdbx_refine_tls.S[1][1]          0.0637 
_pdbx_refine_tls.S[2][2]          0.0864 
_pdbx_refine_tls.S[3][3]          -0.1500 
_pdbx_refine_tls.S[1][2]          0.0339 
_pdbx_refine_tls.S[1][3]          0.0150 
_pdbx_refine_tls.S[2][3]          0.1720 
_pdbx_refine_tls.S[2][1]          0.0653 
_pdbx_refine_tls.S[3][1]          -0.0560 
_pdbx_refine_tls.S[3][2]          -0.0411 
_pdbx_refine_tls.pdbx_refine_id   'X-RAY DIFFRACTION' 
# 
_pdbx_refine_tls_group.id                  1 
_pdbx_refine_tls_group.refine_tls_id       1 
_pdbx_refine_tls_group.beg_label_asym_id   A 
_pdbx_refine_tls_group.beg_label_seq_id    6 
_pdbx_refine_tls_group.end_label_asym_id   A 
_pdbx_refine_tls_group.end_label_seq_id    97 
_pdbx_refine_tls_group.selection           ALL 
_pdbx_refine_tls_group.beg_auth_asym_id    A 
_pdbx_refine_tls_group.beg_auth_seq_id     6 
_pdbx_refine_tls_group.end_auth_asym_id    A 
_pdbx_refine_tls_group.end_auth_seq_id     97 
_pdbx_refine_tls_group.pdbx_refine_id      'X-RAY DIFFRACTION' 
_pdbx_refine_tls_group.selection_details   ? 
# 
loop_
_software.name 
_software.version 
_software.date 
_software.type 
_software.contact_author 
_software.contact_author_email 
_software.classification 
_software.location 
_software.language 
_software.citation_id 
_software.pdbx_ordinal 
DENZO       .     ?               package 'Zbyszek Otwinowski' zbyszek@mix.swmed.edu       'data reduction'  
http://www.lnls.br/infra/linhasluz/denzo-hkl.htm ?       ? 1 
SCALEPACK   .     ?               package 'Zbyszek Otwinowski' zbyszek@mix.swmed.edu       'data scaling'    
http://www.lnls.br/infra/linhasluz/denzo-hkl.htm ?       ? 2 
PHASER      .     ?               program 'R. J. Read'         cimr-phaser@lists.cam.ac.uk phasing           
http://www-structmed.cimr.cam.ac.uk/phaser/      ?       ? 3 
REFMAC      .     ?               program 'Murshudov, G.N.'    ccp4@dl.ac.uk               refinement        
http://www.ccp4.ac.uk/main.html                  Fortran ? 4 
PDB_EXTRACT 1.701 'OCT. 28, 2005' package PDB                  sw-help@rcsb.rutgers.edu    'data extraction' 
http://pdb.rutgers.edu/software/                 C++     ? 5 
BOS         .     ?               ?       ?                    ?                           'data collection' ? ?       ? 6 
# 
loop_
_pdbx_unobs_or_zero_occ_atoms.id 
_pdbx_unobs_or_zero_occ_atoms.PDB_model_num 
_pdbx_unobs_or_zero_occ_atoms.polymer_flag 
_pdbx_unobs_or_zero_occ_atoms.occupancy_flag 
_pdbx_unobs_or_zero_occ_atoms.auth_asym_id 
_pdbx_unobs_or_zero_occ_atoms.auth_comp_id 
_pdbx_unobs_or_zero_occ_atoms.auth_seq_id 
_pdbx_unobs_or_zero_occ_atoms.PDB_ins_code 
_pdbx_unobs_or_zero_occ_atoms.auth_atom_id 
_pdbx_unobs_or_zero_occ_atoms.label_alt_id 
_pdbx_unobs_or_zero_occ_atoms.label_asym_id 
_pdbx_unobs_or_zero_occ_atoms.label_comp_id 
_pdbx_unobs_or_zero_occ_atoms.label_seq_id 
_pdbx_unobs_or_zero_occ_atoms.label_atom_id 
1 1 Y 1 A ALA 98 ? CA ? A ALA 98 CA 
2 1 Y 1 A ALA 98 ? C  ? A ALA 98 C  
3 1 Y 1 A ALA 98 ? O  ? A ALA 98 O  
4 1 Y 1 A ALA 98 ? CB ? A ALA 98 CB 
# 
loop_
_pdbx_unobs_or_zero_occ_residues.id 
_pdbx_unobs_or_zero_occ_residues.PDB_model_num 
_pdbx_unobs_or_zero_occ_residues.polymer_flag 
_pdbx_unobs_or_zero_occ_residues.occupancy_flag 
_pdbx_unobs_or_zero_occ_residues.auth_asym_id 
_pdbx_unobs_or_zero_occ_residues.auth_comp_id 
_pdbx_unobs_or_zero_occ_residues.auth_seq_id 
_pdbx_unobs_or_zero_occ_residues.PDB_ins_code 
_pdbx_unobs_or_zero_occ_residues.label_asym_id 
_pdbx_unobs_or_zero_occ_residues.label_comp_id 
_pdbx_unobs_or_zero_occ_residues.label_seq_id 
1 1 Y 1 A MET 1 ? A MET 1 
2 1 Y 1 A ALA 2 ? A ALA 2 
3 1 Y 1 A ASP 3 ? A ASP 3 
4 1 Y 1 A VAL 4 ? A VAL 4 
5 1 Y 1 A THR 5 ? A THR 5 
# 
loop_
_chem_comp_atom.comp_id 
_chem_comp_atom.atom_id 
_chem_comp_atom.type_symbol 
_chem_comp_atom.pdbx_aromatic_flag 
_chem_comp_atom.pdbx_stereo_config 
_chem_comp_atom.pdbx_ordinal 
ALA N    N N N 1   
ALA CA   C N S 2   
ALA C    C N N 3   
ALA O    O N N 4   
ALA CB   C N N 5   
ALA OXT  O N N 6   
ALA H    H N N 7   
ALA H2   H N N 8   
ALA HA   H N N 9   
ALA HB1  H N N 10  
ALA HB2  H N N 11  
ALA HB3  H N N 12  
ALA HXT  H N N 13  
ARG N    N N N 14  
ARG CA   C N S 15  
ARG C    C N N 16  
ARG O    O N N 17  
ARG CB   C N N 18  
ARG CG   C N N 19  
ARG CD   C N N 20  
ARG NE   N N N 21  
ARG CZ   C N N 22  
ARG NH1  N N N 23  
ARG NH2  N N N 24  
ARG OXT  O N N 25  
ARG H    H N N 26  
ARG H2   H N N 27  
ARG HA   H N N 28  
ARG HB2  H N N 29  
ARG HB3  H N N 30  
ARG HG2  H N N 31  
ARG HG3  H N N 32  
ARG HD2  H N N 33  
ARG HD3  H N N 34  
ARG HE   H N N 35  
ARG HH11 H N N 36  
ARG HH12 H N N 37  
ARG HH21 H N N 38  
ARG HH22 H N N 39  
ARG HXT  H N N 40  
ASN N    N N N 41  
ASN CA   C N S 42  
ASN C    C N N 43  
ASN O    O N N 44  
ASN CB   C N N 45  
ASN CG   C N N 46  
ASN OD1  O N N 47  
ASN ND2  N N N 48  
ASN OXT  O N N 49  
ASN H    H N N 50  
ASN H2   H N N 51  
ASN HA   H N N 52  
ASN HB2  H N N 53  
ASN HB3  H N N 54  
ASN HD21 H N N 55  
ASN HD22 H N N 56  
ASN HXT  H N N 57  
ASP N    N N N 58  
ASP CA   C N S 59  
ASP C    C N N 60  
ASP O    O N N 61  
ASP CB   C N N 62  
ASP CG   C N N 63  
ASP OD1  O N N 64  
ASP OD2  O N N 65  
ASP OXT  O N N 66  
ASP H    H N N 67  
ASP H2   H N N 68  
ASP HA   H N N 69  
ASP HB2  H N N 70  
ASP HB3  H N N 71  
ASP HD2  H N N 72  
ASP HXT  H N N 73  
CYS N    N N N 74  
CYS CA   C N R 75  
CYS C    C N N 76  
CYS O    O N N 77  
CYS CB   C N N 78  
CYS SG   S N N 79  
CYS OXT  O N N 80  
CYS H    H N N 81  
CYS H2   H N N 82  
CYS HA   H N N 83  
CYS HB2  H N N 84  
CYS HB3  H N N 85  
CYS HG   H N N 86  
CYS HXT  H N N 87  
EDO C1   C N N 88  
EDO O1   O N N 89  
EDO C2   C N N 90  
EDO O2   O N N 91  
EDO H11  H N N 92  
EDO H12  H N N 93  
EDO HO1  H N N 94  
EDO H21  H N N 95  
EDO H22  H N N 96  
EDO HO2  H N N 97  
GLN N    N N N 98  
GLN CA   C N S 99  
GLN C    C N N 100 
GLN O    O N N 101 
GLN CB   C N N 102 
GLN CG   C N N 103 
GLN CD   C N N 104 
GLN OE1  O N N 105 
GLN NE2  N N N 106 
GLN OXT  O N N 107 
GLN H    H N N 108 
GLN H2   H N N 109 
GLN HA   H N N 110 
GLN HB2  H N N 111 
GLN HB3  H N N 112 
GLN HG2  H N N 113 
GLN HG3  H N N 114 
GLN HE21 H N N 115 
GLN HE22 H N N 116 
GLN HXT  H N N 117 
GLU N    N N N 118 
GLU CA   C N S 119 
GLU C    C N N 120 
GLU O    O N N 121 
GLU CB   C N N 122 
GLU CG   C N N 123 
GLU CD   C N N 124 
GLU OE1  O N N 125 
GLU OE2  O N N 126 
GLU OXT  O N N 127 
GLU H    H N N 128 
GLU H2   H N N 129 
GLU HA   H N N 130 
GLU HB2  H N N 131 
GLU HB3  H N N 132 
GLU HG2  H N N 133 
GLU HG3  H N N 134 
GLU HE2  H N N 135 
GLU HXT  H N N 136 
GLY N    N N N 137 
GLY CA   C N N 138 
GLY C    C N N 139 
GLY O    O N N 140 
GLY OXT  O N N 141 
GLY H    H N N 142 
GLY H2   H N N 143 
GLY HA2  H N N 144 
GLY HA3  H N N 145 
GLY HXT  H N N 146 
HIS N    N N N 147 
HIS CA   C N S 148 
HIS C    C N N 149 
HIS O    O N N 150 
HIS CB   C N N 151 
HIS CG   C Y N 152 
HIS ND1  N Y N 153 
HIS CD2  C Y N 154 
HIS CE1  C Y N 155 
HIS NE2  N Y N 156 
HIS OXT  O N N 157 
HIS H    H N N 158 
HIS H2   H N N 159 
HIS HA   H N N 160 
HIS HB2  H N N 161 
HIS HB3  H N N 162 
HIS HD1  H N N 163 
HIS HD2  H N N 164 
HIS HE1  H N N 165 
HIS HE2  H N N 166 
HIS HXT  H N N 167 
HOH O    O N N 168 
HOH H1   H N N 169 
HOH H2   H N N 170 
ILE N    N N N 171 
ILE CA   C N S 172 
ILE C    C N N 173 
ILE O    O N N 174 
ILE CB   C N S 175 
ILE CG1  C N N 176 
ILE CG2  C N N 177 
ILE CD1  C N N 178 
ILE OXT  O N N 179 
ILE H    H N N 180 
ILE H2   H N N 181 
ILE HA   H N N 182 
ILE HB   H N N 183 
ILE HG12 H N N 184 
ILE HG13 H N N 185 
ILE HG21 H N N 186 
ILE HG22 H N N 187 
ILE HG23 H N N 188 
ILE HD11 H N N 189 
ILE HD12 H N N 190 
ILE HD13 H N N 191 
ILE HXT  H N N 192 
LEU N    N N N 193 
LEU CA   C N S 194 
LEU C    C N N 195 
LEU O    O N N 196 
LEU CB   C N N 197 
LEU CG   C N N 198 
LEU CD1  C N N 199 
LEU CD2  C N N 200 
LEU OXT  O N N 201 
LEU H    H N N 202 
LEU H2   H N N 203 
LEU HA   H N N 204 
LEU HB2  H N N 205 
LEU HB3  H N N 206 
LEU HG   H N N 207 
LEU HD11 H N N 208 
LEU HD12 H N N 209 
LEU HD13 H N N 210 
LEU HD21 H N N 211 
LEU HD22 H N N 212 
LEU HD23 H N N 213 
LEU HXT  H N N 214 
LYS N    N N N 215 
LYS CA   C N S 216 
LYS C    C N N 217 
LYS O    O N N 218 
LYS CB   C N N 219 
LYS CG   C N N 220 
LYS CD   C N N 221 
LYS CE   C N N 222 
LYS NZ   N N N 223 
LYS OXT  O N N 224 
LYS H    H N N 225 
LYS H2   H N N 226 
LYS HA   H N N 227 
LYS HB2  H N N 228 
LYS HB3  H N N 229 
LYS HG2  H N N 230 
LYS HG3  H N N 231 
LYS HD2  H N N 232 
LYS HD3  H N N 233 
LYS HE2  H N N 234 
LYS HE3  H N N 235 
LYS HZ1  H N N 236 
LYS HZ2  H N N 237 
LYS HZ3  H N N 238 
LYS HXT  H N N 239 
MET N    N N N 240 
MET CA   C N S 241 
MET C    C N N 242 
MET O    O N N 243 
MET CB   C N N 244 
MET CG   C N N 245 
MET SD   S N N 246 
MET CE   C N N 247 
MET OXT  O N N 248 
MET H    H N N 249 
MET H2   H N N 250 
MET HA   H N N 251 
MET HB2  H N N 252 
MET HB3  H N N 253 
MET HG2  H N N 254 
MET HG3  H N N 255 
MET HE1  H N N 256 
MET HE2  H N N 257 
MET HE3  H N N 258 
MET HXT  H N N 259 
PHE N    N N N 260 
PHE CA   C N S 261 
PHE C    C N N 262 
PHE O    O N N 263 
PHE CB   C N N 264 
PHE CG   C Y N 265 
PHE CD1  C Y N 266 
PHE CD2  C Y N 267 
PHE CE1  C Y N 268 
PHE CE2  C Y N 269 
PHE CZ   C Y N 270 
PHE OXT  O N N 271 
PHE H    H N N 272 
PHE H2   H N N 273 
PHE HA   H N N 274 
PHE HB2  H N N 275 
PHE HB3  H N N 276 
PHE HD1  H N N 277 
PHE HD2  H N N 278 
PHE HE1  H N N 279 
PHE HE2  H N N 280 
PHE HZ   H N N 281 
PHE HXT  H N N 282 
PRO N    N N N 283 
PRO CA   C N S 284 
PRO C    C N N 285 
PRO O    O N N 286 
PRO CB   C N N 287 
PRO CG   C N N 288 
PRO CD   C N N 289 
PRO OXT  O N N 290 
PRO H    H N N 291 
PRO HA   H N N 292 
PRO HB2  H N N 293 
PRO HB3  H N N 294 
PRO HG2  H N N 295 
PRO HG3  H N N 296 
PRO HD2  H N N 297 
PRO HD3  H N N 298 
PRO HXT  H N N 299 
SER N    N N N 300 
SER CA   C N S 301 
SER C    C N N 302 
SER O    O N N 303 
SER CB   C N N 304 
SER OG   O N N 305 
SER OXT  O N N 306 
SER H    H N N 307 
SER H2   H N N 308 
SER HA   H N N 309 
SER HB2  H N N 310 
SER HB3  H N N 311 
SER HG   H N N 312 
SER HXT  H N N 313 
THR N    N N N 314 
THR CA   C N S 315 
THR C    C N N 316 
THR O    O N N 317 
THR CB   C N R 318 
THR OG1  O N N 319 
THR CG2  C N N 320 
THR OXT  O N N 321 
THR H    H N N 322 
THR H2   H N N 323 
THR HA   H N N 324 
THR HB   H N N 325 
THR HG1  H N N 326 
THR HG21 H N N 327 
THR HG22 H N N 328 
THR HG23 H N N 329 
THR HXT  H N N 330 
TRS C    C N N 331 
TRS C1   C N N 332 
TRS C2   C N N 333 
TRS C3   C N N 334 
TRS N    N N N 335 
TRS O1   O N N 336 
TRS O2   O N N 337 
TRS O3   O N N 338 
TRS H11  H N N 339 
TRS H12  H N N 340 
TRS H21  H N N 341 
TRS H22  H N N 342 
TRS H31  H N N 343 
TRS H32  H N N 344 
TRS HN1  H N N 345 
TRS HN2  H N N 346 
TRS HN3  H N N 347 
TRS HO1  H N N 348 
TRS HO2  H N N 349 
TRS HO3  H N N 350 
TYR N    N N N 351 
TYR CA   C N S 352 
TYR C    C N N 353 
TYR O    O N N 354 
TYR CB   C N N 355 
TYR CG   C Y N 356 
TYR CD1  C Y N 357 
TYR CD2  C Y N 358 
TYR CE1  C Y N 359 
TYR CE2  C Y N 360 
TYR CZ   C Y N 361 
TYR OH   O N N 362 
TYR OXT  O N N 363 
TYR H    H N N 364 
TYR H2   H N N 365 
TYR HA   H N N 366 
TYR HB2  H N N 367 
TYR HB3  H N N 368 
TYR HD1  H N N 369 
TYR HD2  H N N 370 
TYR HE1  H N N 371 
TYR HE2  H N N 372 
TYR HH   H N N 373 
TYR HXT  H N N 374 
VAL N    N N N 375 
VAL CA   C N S 376 
VAL C    C N N 377 
VAL O    O N N 378 
VAL CB   C N N 379 
VAL CG1  C N N 380 
VAL CG2  C N N 381 
VAL OXT  O N N 382 
VAL H    H N N 383 
VAL H2   H N N 384 
VAL HA   H N N 385 
VAL HB   H N N 386 
VAL HG11 H N N 387 
VAL HG12 H N N 388 
VAL HG13 H N N 389 
VAL HG21 H N N 390 
VAL HG22 H N N 391 
VAL HG23 H N N 392 
VAL HXT  H N N 393 
# 
loop_
_chem_comp_bond.comp_id 
_chem_comp_bond.atom_id_1 
_chem_comp_bond.atom_id_2 
_chem_comp_bond.value_order 
_chem_comp_bond.pdbx_aromatic_flag 
_chem_comp_bond.pdbx_stereo_config 
_chem_comp_bond.pdbx_ordinal 
ALA N   CA   sing N N 1   
ALA N   H    sing N N 2   
ALA N   H2   sing N N 3   
ALA CA  C    sing N N 4   
ALA CA  CB   sing N N 5   
ALA CA  HA   sing N N 6   
ALA C   O    doub N N 7   
ALA C   OXT  sing N N 8   
ALA CB  HB1  sing N N 9   
ALA CB  HB2  sing N N 10  
ALA CB  HB3  sing N N 11  
ALA OXT HXT  sing N N 12  
ARG N   CA   sing N N 13  
ARG N   H    sing N N 14  
ARG N   H2   sing N N 15  
ARG CA  C    sing N N 16  
ARG CA  CB   sing N N 17  
ARG CA  HA   sing N N 18  
ARG C   O    doub N N 19  
ARG C   OXT  sing N N 20  
ARG CB  CG   sing N N 21  
ARG CB  HB2  sing N N 22  
ARG CB  HB3  sing N N 23  
ARG CG  CD   sing N N 24  
ARG CG  HG2  sing N N 25  
ARG CG  HG3  sing N N 26  
ARG CD  NE   sing N N 27  
ARG CD  HD2  sing N N 28  
ARG CD  HD3  sing N N 29  
ARG NE  CZ   sing N N 30  
ARG NE  HE   sing N N 31  
ARG CZ  NH1  sing N N 32  
ARG CZ  NH2  doub N N 33  
ARG NH1 HH11 sing N N 34  
ARG NH1 HH12 sing N N 35  
ARG NH2 HH21 sing N N 36  
ARG NH2 HH22 sing N N 37  
ARG OXT HXT  sing N N 38  
ASN N   CA   sing N N 39  
ASN N   H    sing N N 40  
ASN N   H2   sing N N 41  
ASN CA  C    sing N N 42  
ASN CA  CB   sing N N 43  
ASN CA  HA   sing N N 44  
ASN C   O    doub N N 45  
ASN C   OXT  sing N N 46  
ASN CB  CG   sing N N 47  
ASN CB  HB2  sing N N 48  
ASN CB  HB3  sing N N 49  
ASN CG  OD1  doub N N 50  
ASN CG  ND2  sing N N 51  
ASN ND2 HD21 sing N N 52  
ASN ND2 HD22 sing N N 53  
ASN OXT HXT  sing N N 54  
ASP N   CA   sing N N 55  
ASP N   H    sing N N 56  
ASP N   H2   sing N N 57  
ASP CA  C    sing N N 58  
ASP CA  CB   sing N N 59  
ASP CA  HA   sing N N 60  
ASP C   O    doub N N 61  
ASP C   OXT  sing N N 62  
ASP CB  CG   sing N N 63  
ASP CB  HB2  sing N N 64  
ASP CB  HB3  sing N N 65  
ASP CG  OD1  doub N N 66  
ASP CG  OD2  sing N N 67  
ASP OD2 HD2  sing N N 68  
ASP OXT HXT  sing N N 69  
CYS N   CA   sing N N 70  
CYS N   H    sing N N 71  
CYS N   H2   sing N N 72  
CYS CA  C    sing N N 73  
CYS CA  CB   sing N N 74  
CYS CA  HA   sing N N 75  
CYS C   O    doub N N 76  
CYS C   OXT  sing N N 77  
CYS CB  SG   sing N N 78  
CYS CB  HB2  sing N N 79  
CYS CB  HB3  sing N N 80  
CYS SG  HG   sing N N 81  
CYS OXT HXT  sing N N 82  
EDO C1  O1   sing N N 83  
EDO C1  C2   sing N N 84  
EDO C1  H11  sing N N 85  
EDO C1  H12  sing N N 86  
EDO O1  HO1  sing N N 87  
EDO C2  O2   sing N N 88  
EDO C2  H21  sing N N 89  
EDO C2  H22  sing N N 90  
EDO O2  HO2  sing N N 91  
GLN N   CA   sing N N 92  
GLN N   H    sing N N 93  
GLN N   H2   sing N N 94  
GLN CA  C    sing N N 95  
GLN CA  CB   sing N N 96  
GLN CA  HA   sing N N 97  
GLN C   O    doub N N 98  
GLN C   OXT  sing N N 99  
GLN CB  CG   sing N N 100 
GLN CB  HB2  sing N N 101 
GLN CB  HB3  sing N N 102 
GLN CG  CD   sing N N 103 
GLN CG  HG2  sing N N 104 
GLN CG  HG3  sing N N 105 
GLN CD  OE1  doub N N 106 
GLN CD  NE2  sing N N 107 
GLN NE2 HE21 sing N N 108 
GLN NE2 HE22 sing N N 109 
GLN OXT HXT  sing N N 110 
GLU N   CA   sing N N 111 
GLU N   H    sing N N 112 
GLU N   H2   sing N N 113 
GLU CA  C    sing N N 114 
GLU CA  CB   sing N N 115 
GLU CA  HA   sing N N 116 
GLU C   O    doub N N 117 
GLU C   OXT  sing N N 118 
GLU CB  CG   sing N N 119 
GLU CB  HB2  sing N N 120 
GLU CB  HB3  sing N N 121 
GLU CG  CD   sing N N 122 
GLU CG  HG2  sing N N 123 
GLU CG  HG3  sing N N 124 
GLU CD  OE1  doub N N 125 
GLU CD  OE2  sing N N 126 
GLU OE2 HE2  sing N N 127 
GLU OXT HXT  sing N N 128 
GLY N   CA   sing N N 129 
GLY N   H    sing N N 130 
GLY N   H2   sing N N 131 
GLY CA  C    sing N N 132 
GLY CA  HA2  sing N N 133 
GLY CA  HA3  sing N N 134 
GLY C   O    doub N N 135 
GLY C   OXT  sing N N 136 
GLY OXT HXT  sing N N 137 
HIS N   CA   sing N N 138 
HIS N   H    sing N N 139 
HIS N   H2   sing N N 140 
HIS CA  C    sing N N 141 
HIS CA  CB   sing N N 142 
HIS CA  HA   sing N N 143 
HIS C   O    doub N N 144 
HIS C   OXT  sing N N 145 
HIS CB  CG   sing N N 146 
HIS CB  HB2  sing N N 147 
HIS CB  HB3  sing N N 148 
HIS CG  ND1  sing Y N 149 
HIS CG  CD2  doub Y N 150 
HIS ND1 CE1  doub Y N 151 
HIS ND1 HD1  sing N N 152 
HIS CD2 NE2  sing Y N 153 
HIS CD2 HD2  sing N N 154 
HIS CE1 NE2  sing Y N 155 
HIS CE1 HE1  sing N N 156 
HIS NE2 HE2  sing N N 157 
HIS OXT HXT  sing N N 158 
HOH O   H1   sing N N 159 
HOH O   H2   sing N N 160 
ILE N   CA   sing N N 161 
ILE N   H    sing N N 162 
ILE N   H2   sing N N 163 
ILE CA  C    sing N N 164 
ILE CA  CB   sing N N 165 
ILE CA  HA   sing N N 166 
ILE C   O    doub N N 167 
ILE C   OXT  sing N N 168 
ILE CB  CG1  sing N N 169 
ILE CB  CG2  sing N N 170 
ILE CB  HB   sing N N 171 
ILE CG1 CD1  sing N N 172 
ILE CG1 HG12 sing N N 173 
ILE CG1 HG13 sing N N 174 
ILE CG2 HG21 sing N N 175 
ILE CG2 HG22 sing N N 176 
ILE CG2 HG23 sing N N 177 
ILE CD1 HD11 sing N N 178 
ILE CD1 HD12 sing N N 179 
ILE CD1 HD13 sing N N 180 
ILE OXT HXT  sing N N 181 
LEU N   CA   sing N N 182 
LEU N   H    sing N N 183 
LEU N   H2   sing N N 184 
LEU CA  C    sing N N 185 
LEU CA  CB   sing N N 186 
LEU CA  HA   sing N N 187 
LEU C   O    doub N N 188 
LEU C   OXT  sing N N 189 
LEU CB  CG   sing N N 190 
LEU CB  HB2  sing N N 191 
LEU CB  HB3  sing N N 192 
LEU CG  CD1  sing N N 193 
LEU CG  CD2  sing N N 194 
LEU CG  HG   sing N N 195 
LEU CD1 HD11 sing N N 196 
LEU CD1 HD12 sing N N 197 
LEU CD1 HD13 sing N N 198 
LEU CD2 HD21 sing N N 199 
LEU CD2 HD22 sing N N 200 
LEU CD2 HD23 sing N N 201 
LEU OXT HXT  sing N N 202 
LYS N   CA   sing N N 203 
LYS N   H    sing N N 204 
LYS N   H2   sing N N 205 
LYS CA  C    sing N N 206 
LYS CA  CB   sing N N 207 
LYS CA  HA   sing N N 208 
LYS C   O    doub N N 209 
LYS C   OXT  sing N N 210 
LYS CB  CG   sing N N 211 
LYS CB  HB2  sing N N 212 
LYS CB  HB3  sing N N 213 
LYS CG  CD   sing N N 214 
LYS CG  HG2  sing N N 215 
LYS CG  HG3  sing N N 216 
LYS CD  CE   sing N N 217 
LYS CD  HD2  sing N N 218 
LYS CD  HD3  sing N N 219 
LYS CE  NZ   sing N N 220 
LYS CE  HE2  sing N N 221 
LYS CE  HE3  sing N N 222 
LYS NZ  HZ1  sing N N 223 
LYS NZ  HZ2  sing N N 224 
LYS NZ  HZ3  sing N N 225 
LYS OXT HXT  sing N N 226 
MET N   CA   sing N N 227 
MET N   H    sing N N 228 
MET N   H2   sing N N 229 
MET CA  C    sing N N 230 
MET CA  CB   sing N N 231 
MET CA  HA   sing N N 232 
MET C   O    doub N N 233 
MET C   OXT  sing N N 234 
MET CB  CG   sing N N 235 
MET CB  HB2  sing N N 236 
MET CB  HB3  sing N N 237 
MET CG  SD   sing N N 238 
MET CG  HG2  sing N N 239 
MET CG  HG3  sing N N 240 
MET SD  CE   sing N N 241 
MET CE  HE1  sing N N 242 
MET CE  HE2  sing N N 243 
MET CE  HE3  sing N N 244 
MET OXT HXT  sing N N 245 
PHE N   CA   sing N N 246 
PHE N   H    sing N N 247 
PHE N   H2   sing N N 248 
PHE CA  C    sing N N 249 
PHE CA  CB   sing N N 250 
PHE CA  HA   sing N N 251 
PHE C   O    doub N N 252 
PHE C   OXT  sing N N 253 
PHE CB  CG   sing N N 254 
PHE CB  HB2  sing N N 255 
PHE CB  HB3  sing N N 256 
PHE CG  CD1  doub Y N 257 
PHE CG  CD2  sing Y N 258 
PHE CD1 CE1  sing Y N 259 
PHE CD1 HD1  sing N N 260 
PHE CD2 CE2  doub Y N 261 
PHE CD2 HD2  sing N N 262 
PHE CE1 CZ   doub Y N 263 
PHE CE1 HE1  sing N N 264 
PHE CE2 CZ   sing Y N 265 
PHE CE2 HE2  sing N N 266 
PHE CZ  HZ   sing N N 267 
PHE OXT HXT  sing N N 268 
PRO N   CA   sing N N 269 
PRO N   CD   sing N N 270 
PRO N   H    sing N N 271 
PRO CA  C    sing N N 272 
PRO CA  CB   sing N N 273 
PRO CA  HA   sing N N 274 
PRO C   O    doub N N 275 
PRO C   OXT  sing N N 276 
PRO CB  CG   sing N N 277 
PRO CB  HB2  sing N N 278 
PRO CB  HB3  sing N N 279 
PRO CG  CD   sing N N 280 
PRO CG  HG2  sing N N 281 
PRO CG  HG3  sing N N 282 
PRO CD  HD2  sing N N 283 
PRO CD  HD3  sing N N 284 
PRO OXT HXT  sing N N 285 
SER N   CA   sing N N 286 
SER N   H    sing N N 287 
SER N   H2   sing N N 288 
SER CA  C    sing N N 289 
SER CA  CB   sing N N 290 
SER CA  HA   sing N N 291 
SER C   O    doub N N 292 
SER C   OXT  sing N N 293 
SER CB  OG   sing N N 294 
SER CB  HB2  sing N N 295 
SER CB  HB3  sing N N 296 
SER OG  HG   sing N N 297 
SER OXT HXT  sing N N 298 
THR N   CA   sing N N 299 
THR N   H    sing N N 300 
THR N   H2   sing N N 301 
THR CA  C    sing N N 302 
THR CA  CB   sing N N 303 
THR CA  HA   sing N N 304 
THR C   O    doub N N 305 
THR C   OXT  sing N N 306 
THR CB  OG1  sing N N 307 
THR CB  CG2  sing N N 308 
THR CB  HB   sing N N 309 
THR OG1 HG1  sing N N 310 
THR CG2 HG21 sing N N 311 
THR CG2 HG22 sing N N 312 
THR CG2 HG23 sing N N 313 
THR OXT HXT  sing N N 314 
TRS C   C1   sing N N 315 
TRS C   C2   sing N N 316 
TRS C   C3   sing N N 317 
TRS C   N    sing N N 318 
TRS C1  O1   sing N N 319 
TRS C1  H11  sing N N 320 
TRS C1  H12  sing N N 321 
TRS C2  O2   sing N N 322 
TRS C2  H21  sing N N 323 
TRS C2  H22  sing N N 324 
TRS C3  O3   sing N N 325 
TRS C3  H31  sing N N 326 
TRS C3  H32  sing N N 327 
TRS N   HN1  sing N N 328 
TRS N   HN2  sing N N 329 
TRS N   HN3  sing N N 330 
TRS O1  HO1  sing N N 331 
TRS O2  HO2  sing N N 332 
TRS O3  HO3  sing N N 333 
TYR N   CA   sing N N 334 
TYR N   H    sing N N 335 
TYR N   H2   sing N N 336 
TYR CA  C    sing N N 337 
TYR CA  CB   sing N N 338 
TYR CA  HA   sing N N 339 
TYR C   O    doub N N 340 
TYR C   OXT  sing N N 341 
TYR CB  CG   sing N N 342 
TYR CB  HB2  sing N N 343 
TYR CB  HB3  sing N N 344 
TYR CG  CD1  doub Y N 345 
TYR CG  CD2  sing Y N 346 
TYR CD1 CE1  sing Y N 347 
TYR CD1 HD1  sing N N 348 
TYR CD2 CE2  doub Y N 349 
TYR CD2 HD2  sing N N 350 
TYR CE1 CZ   doub Y N 351 
TYR CE1 HE1  sing N N 352 
TYR CE2 CZ   sing Y N 353 
TYR CE2 HE2  sing N N 354 
TYR CZ  OH   sing N N 355 
TYR OH  HH   sing N N 356 
TYR OXT HXT  sing N N 357 
VAL N   CA   sing N N 358 
VAL N   H    sing N N 359 
VAL N   H2   sing N N 360 
VAL CA  C    sing N N 361 
VAL CA  CB   sing N N 362 
VAL CA  HA   sing N N 363 
VAL C   O    doub N N 364 
VAL C   OXT  sing N N 365 
VAL CB  CG1  sing N N 366 
VAL CB  CG2  sing N N 367 
VAL CB  HB   sing N N 368 
VAL CG1 HG11 sing N N 369 
VAL CG1 HG12 sing N N 370 
VAL CG1 HG13 sing N N 371 
VAL CG2 HG21 sing N N 372 
VAL CG2 HG22 sing N N 373 
VAL CG2 HG23 sing N N 374 
VAL OXT HXT  sing N N 375 
# 
loop_
_pdbx_entity_nonpoly.entity_id 
_pdbx_entity_nonpoly.name 
_pdbx_entity_nonpoly.comp_id 
2 2-AMINO-2-HYDROXYMETHYL-PROPANE-1,3-DIOL TRS 
3 1,2-ETHANEDIOL                           EDO 
4 water                                    HOH 
# 
_pdbx_initial_refinement_model.id               1 
_pdbx_initial_refinement_model.entity_id_list   ? 
_pdbx_initial_refinement_model.type             'experimental model' 
_pdbx_initial_refinement_model.source_name      PDB 
_pdbx_initial_refinement_model.accession_code   2A10 
_pdbx_initial_refinement_model.details          'PDB ENTRY 2A10' 
# 
